data_5V0X
#
_entry.id   5V0X
#
_cell.length_a   57.200
_cell.length_b   118.010
_cell.length_c   173.710
_cell.angle_alpha   90.000
_cell.angle_beta   90.000
_cell.angle_gamma   90.000
#
_symmetry.space_group_name_H-M   'P 21 21 21'
#
loop_
_entity.id
_entity.type
_entity.pdbx_description
1 polymer 'Glycylpeptide N-tetradecanoyltransferase'
2 non-polymer TETRADECANOYL-COA
3 non-polymer {4-[2-(5-fluoro-2-{3-[(methylamino)methyl][1,2,4]triazolo[4,3-a]pyridin-6-yl}phenoxy)ethyl]-1,5-dimethyl-1H-pyrazol-3-yl}(morpholin-4-yl)methanone
4 non-polymer 'CHLORIDE ION'
5 non-polymer 'SULFATE ION'
6 water water
#
_entity_poly.entity_id   1
_entity_poly.type   'polypeptide(L)'
_entity_poly.pdbx_seq_one_letter_code
;MGSSHHHHHHSAALEVLFQGPDYKFWYTQPVPKINDEFNESVNEPFISDNKVEDVRKDEYKLPPGYSWYVCDVKDEKDRS
EIYTLLTDNYVEDDDNIFRFNYSAEFLLWALTSPNYLKTWHIGVKYDASNKLIGFISAIPTDICIHKRTIKMAEVNFLCV
HKTLRSKRLAPVLIKEITRRINLENIWQAIYTAGVYLPKPVSDARYYHRSINVKKLIEIGFSSLNSRLTMSRAIKLYRVE
DTLNIKNMRLMKKKDVEGVHKLLGSYLEQFNLYAVFTKEEIAHWFLPIENVIYTYVNEENGKIKDMISFYSLPSQILGND
KYSTLNAAYSFYNVTTTATFKQLMQDAILLAKRNNFDVFNALEVMQNKSVFEDLKFGEGDGSLKYYLYNWKCASFAPAHV
GIVLL
;
_entity_poly.pdbx_strand_id   A,B,C
#
loop_
_chem_comp.id
_chem_comp.type
_chem_comp.name
_chem_comp.formula
8RD non-polymer {4-[2-(5-fluoro-2-{3-[(methylamino)methyl][1,2,4]triazolo[4,3-a]pyridin-6-yl}phenoxy)ethyl]-1,5-dimethyl-1H-pyrazol-3-yl}(morpholin-4-yl)methanone 'C26 H30 F N7 O3'
CL non-polymer 'CHLORIDE ION' 'Cl -1'
MYA non-polymer TETRADECANOYL-COA 'C35 H62 N7 O17 P3 S'
SO4 non-polymer 'SULFATE ION' 'O4 S -2'
#
# COMPACT_ATOMS: atom_id res chain seq x y z
N PRO A 21 19.17 35.06 -2.74
CA PRO A 21 18.46 35.99 -1.86
C PRO A 21 17.50 36.92 -2.61
N ASP A 22 17.90 37.39 -3.79
CA ASP A 22 17.04 38.27 -4.57
C ASP A 22 16.17 37.52 -5.55
N TYR A 23 16.72 36.48 -6.20
CA TYR A 23 15.98 35.68 -7.18
C TYR A 23 15.30 36.57 -8.22
N LYS A 24 16.10 37.49 -8.80
CA LYS A 24 15.58 38.48 -9.72
C LYS A 24 15.01 37.85 -10.98
N PHE A 25 15.60 36.76 -11.46
CA PHE A 25 15.00 36.07 -12.60
C PHE A 25 13.85 35.18 -12.16
N TRP A 26 14.07 34.36 -11.13
CA TRP A 26 13.08 33.36 -10.77
C TRP A 26 11.79 33.97 -10.25
N TYR A 27 11.83 35.16 -9.64
CA TYR A 27 10.55 35.72 -9.20
C TYR A 27 9.72 36.29 -10.36
N THR A 28 10.23 36.28 -11.59
CA THR A 28 9.42 36.58 -12.76
C THR A 28 8.75 35.34 -13.33
N GLN A 29 9.03 34.18 -12.78
CA GLN A 29 8.57 32.91 -13.32
C GLN A 29 7.39 32.36 -12.53
N PRO A 30 6.56 31.50 -13.14
CA PRO A 30 5.43 30.88 -12.41
C PRO A 30 5.91 29.73 -11.54
N VAL A 31 6.58 30.09 -10.45
CA VAL A 31 7.04 29.18 -9.42
C VAL A 31 6.79 29.82 -8.06
N PRO A 32 6.65 29.01 -7.02
CA PRO A 32 6.36 29.58 -5.71
C PRO A 32 7.48 30.49 -5.24
N LYS A 33 7.11 31.56 -4.53
CA LYS A 33 8.12 32.35 -3.84
C LYS A 33 8.71 31.53 -2.69
N ILE A 34 9.86 31.99 -2.18
CA ILE A 34 10.61 31.22 -1.19
C ILE A 34 9.75 30.88 0.03
N ASN A 35 8.80 31.74 0.38
CA ASN A 35 7.95 31.48 1.53
C ASN A 35 6.51 31.16 1.13
N ASP A 36 6.29 30.69 -0.09
CA ASP A 36 4.95 30.26 -0.48
C ASP A 36 4.70 28.85 0.03
N GLU A 37 3.49 28.62 0.53
CA GLU A 37 3.11 27.35 1.12
C GLU A 37 1.69 27.00 0.70
N PHE A 38 1.50 25.84 0.06
CA PHE A 38 0.19 25.43 -0.40
C PHE A 38 -0.26 24.15 0.29
N ASN A 39 -1.54 24.06 0.58
CA ASN A 39 -2.00 22.89 1.32
C ASN A 39 -2.36 21.76 0.37
N GLU A 40 -2.64 20.59 0.95
CA GLU A 40 -2.92 19.38 0.19
C GLU A 40 -4.05 19.56 -0.82
N SER A 41 -4.95 20.50 -0.58
CA SER A 41 -6.09 20.70 -1.48
C SER A 41 -5.73 21.51 -2.72
N VAL A 42 -4.50 21.97 -2.85
CA VAL A 42 -4.06 22.75 -4.00
C VAL A 42 -3.15 21.88 -4.84
N ASN A 43 -3.47 21.77 -6.13
CA ASN A 43 -2.73 20.90 -7.03
C ASN A 43 -3.08 21.28 -8.46
N GLU A 44 -2.53 22.40 -8.93
CA GLU A 44 -3.00 23.04 -10.15
C GLU A 44 -1.90 23.95 -10.66
N PRO A 45 -2.01 24.46 -11.89
CA PRO A 45 -1.00 25.36 -12.43
C PRO A 45 -1.05 26.76 -11.80
N PHE A 46 0.10 27.44 -11.84
CA PHE A 46 0.10 28.87 -11.57
C PHE A 46 -0.63 29.63 -12.68
N ILE A 47 -0.45 29.21 -13.93
CA ILE A 47 -1.06 29.85 -15.09
C ILE A 47 -1.72 28.75 -15.91
N SER A 48 -3.04 28.84 -16.07
CA SER A 48 -3.85 27.90 -16.82
C SER A 48 -4.40 28.55 -18.08
N ASP A 49 -5.12 27.73 -18.88
CA ASP A 49 -5.76 28.18 -20.10
C ASP A 49 -4.75 28.77 -21.08
N ASN A 50 -3.57 28.18 -21.12
CA ASN A 50 -2.54 28.65 -22.02
C ASN A 50 -2.88 28.28 -23.45
N LYS A 51 -2.46 29.14 -24.39
CA LYS A 51 -2.74 28.96 -25.81
C LYS A 51 -1.42 28.87 -26.57
N VAL A 52 -1.26 27.80 -27.35
CA VAL A 52 -0.05 27.65 -28.16
C VAL A 52 0.08 28.80 -29.15
N GLU A 53 -1.05 29.25 -29.71
CA GLU A 53 -1.02 30.35 -30.67
C GLU A 53 -0.31 31.56 -30.10
N ASP A 54 -0.44 31.81 -28.79
CA ASP A 54 0.13 32.97 -28.15
C ASP A 54 1.62 32.85 -27.83
N VAL A 55 2.21 31.66 -27.96
CA VAL A 55 3.64 31.50 -27.67
C VAL A 55 4.46 32.27 -28.68
N ARG A 56 5.53 32.93 -28.22
CA ARG A 56 6.43 33.63 -29.14
C ARG A 56 7.02 32.66 -30.14
N LYS A 57 7.01 33.05 -31.41
CA LYS A 57 7.62 32.23 -32.43
C LYS A 57 9.04 32.65 -32.75
N ASP A 58 9.48 33.79 -32.23
CA ASP A 58 10.87 34.25 -32.41
C ASP A 58 11.76 33.68 -31.31
N GLU A 59 13.00 33.36 -31.67
CA GLU A 59 13.95 32.92 -30.66
C GLU A 59 14.35 34.10 -29.77
N TYR A 60 14.73 33.79 -28.54
CA TYR A 60 15.26 34.81 -27.65
C TYR A 60 16.57 35.40 -28.20
N LYS A 61 16.76 36.69 -27.97
CA LYS A 61 17.96 37.36 -28.41
C LYS A 61 19.14 36.93 -27.55
N LEU A 62 20.26 36.68 -28.21
CA LEU A 62 21.51 36.38 -27.55
C LEU A 62 22.45 37.57 -27.70
N PRO A 63 23.49 37.67 -26.88
CA PRO A 63 24.48 38.70 -27.12
C PRO A 63 25.09 38.55 -28.49
N PRO A 64 25.48 39.65 -29.13
CA PRO A 64 26.06 39.55 -30.49
C PRO A 64 27.31 38.67 -30.47
N GLY A 65 27.49 37.91 -31.56
CA GLY A 65 28.52 36.90 -31.59
C GLY A 65 28.11 35.54 -31.06
N TYR A 66 26.85 35.38 -30.62
CA TYR A 66 26.35 34.10 -30.11
C TYR A 66 25.08 33.72 -30.86
N SER A 67 24.90 32.42 -31.07
CA SER A 67 23.83 31.88 -31.90
C SER A 67 23.27 30.62 -31.28
N TRP A 68 21.97 30.41 -31.50
CA TRP A 68 21.31 29.17 -31.11
C TRP A 68 21.76 28.04 -32.04
N TYR A 69 21.87 26.84 -31.48
CA TYR A 69 22.27 25.68 -32.27
C TYR A 69 21.47 24.50 -31.79
N VAL A 70 20.61 23.97 -32.66
CA VAL A 70 19.85 22.77 -32.35
C VAL A 70 20.81 21.58 -32.48
N CYS A 71 21.10 20.93 -31.36
CA CYS A 71 22.00 19.79 -31.36
C CYS A 71 21.29 18.55 -31.85
N ASP A 72 21.97 17.76 -32.69
CA ASP A 72 21.49 16.43 -33.09
C ASP A 72 22.25 15.40 -32.25
N VAL A 73 21.65 14.97 -31.14
CA VAL A 73 22.37 14.08 -30.24
C VAL A 73 22.60 12.70 -30.87
N LYS A 74 21.85 12.36 -31.90
CA LYS A 74 22.11 11.10 -32.60
C LYS A 74 23.27 11.19 -33.57
N ASP A 75 23.72 12.40 -33.89
CA ASP A 75 24.97 12.59 -34.63
C ASP A 75 26.14 12.50 -33.66
N GLU A 76 27.12 11.65 -33.98
CA GLU A 76 28.20 11.41 -33.04
C GLU A 76 28.95 12.69 -32.71
N LYS A 77 29.16 13.56 -33.70
CA LYS A 77 30.01 14.73 -33.48
C LYS A 77 29.27 15.81 -32.70
N ASP A 78 28.02 16.10 -33.05
CA ASP A 78 27.21 16.98 -32.20
C ASP A 78 27.20 16.46 -30.77
N ARG A 79 27.07 15.14 -30.62
CA ARG A 79 27.02 14.55 -29.29
C ARG A 79 28.35 14.71 -28.58
N SER A 80 29.45 14.57 -29.32
CA SER A 80 30.77 14.79 -28.74
C SER A 80 30.93 16.22 -28.25
N GLU A 81 30.37 17.18 -29.00
CA GLU A 81 30.41 18.59 -28.60
C GLU A 81 29.72 18.80 -27.27
N ILE A 82 28.52 18.21 -27.10
CA ILE A 82 27.86 18.28 -25.79
C ILE A 82 28.72 17.60 -24.74
N TYR A 83 29.21 16.40 -25.05
CA TYR A 83 30.06 15.68 -24.12
C TYR A 83 31.24 16.54 -23.66
N THR A 84 31.90 17.23 -24.59
CA THR A 84 33.04 18.07 -24.22
C THR A 84 32.61 19.23 -23.33
N LEU A 85 31.50 19.90 -23.69
CA LEU A 85 31.00 21.01 -22.88
C LEU A 85 30.73 20.56 -21.45
N LEU A 86 29.98 19.46 -21.29
CA LEU A 86 29.65 18.99 -19.94
C LEU A 86 30.88 18.45 -19.23
N THR A 87 31.73 17.68 -19.93
CA THR A 87 32.93 17.12 -19.30
C THR A 87 33.75 18.23 -18.65
N ASP A 88 33.89 19.36 -19.34
CA ASP A 88 34.73 20.44 -18.83
C ASP A 88 33.98 21.46 -17.99
N ASN A 89 32.65 21.48 -18.03
CA ASN A 89 31.96 22.62 -17.43
C ASN A 89 30.70 22.28 -16.64
N TYR A 90 30.39 21.00 -16.39
CA TYR A 90 29.12 20.67 -15.76
C TYR A 90 29.29 20.66 -14.24
N VAL A 91 28.40 19.92 -13.56
CA VAL A 91 28.24 19.98 -12.11
C VAL A 91 29.48 19.44 -11.40
N GLU A 92 29.99 20.22 -10.44
CA GLU A 92 30.99 19.75 -9.51
C GLU A 92 30.38 19.57 -8.12
N ASP A 93 30.93 18.63 -7.37
CA ASP A 93 30.46 18.45 -6.01
C ASP A 93 30.74 19.71 -5.20
N ASP A 94 30.17 19.76 -4.00
CA ASP A 94 30.30 20.94 -3.17
C ASP A 94 31.74 21.24 -2.77
N ASP A 95 32.63 20.24 -2.76
CA ASP A 95 34.01 20.45 -2.37
C ASP A 95 34.96 20.50 -3.54
N ASN A 96 34.43 20.45 -4.77
CA ASN A 96 35.25 20.56 -5.99
C ASN A 96 36.30 19.46 -6.08
N ILE A 97 36.00 18.30 -5.50
CA ILE A 97 36.80 17.11 -5.74
C ILE A 97 36.47 16.50 -7.09
N PHE A 98 35.21 16.64 -7.51
CA PHE A 98 34.64 15.90 -8.63
C PHE A 98 33.96 16.85 -9.59
N ARG A 99 33.86 16.40 -10.84
CA ARG A 99 32.95 17.00 -11.82
C ARG A 99 32.27 15.84 -12.53
N PHE A 100 30.94 15.92 -12.71
CA PHE A 100 30.25 14.86 -13.45
C PHE A 100 30.87 14.71 -14.84
N ASN A 101 31.03 13.46 -15.27
CA ASN A 101 31.57 13.14 -16.60
C ASN A 101 30.64 12.13 -17.30
N TYR A 102 29.40 12.57 -17.56
CA TYR A 102 28.47 11.79 -18.35
C TYR A 102 29.11 11.34 -19.66
N SER A 103 28.97 10.06 -19.97
CA SER A 103 29.55 9.55 -21.21
C SER A 103 28.68 9.98 -22.39
N ALA A 104 29.29 9.95 -23.58
CA ALA A 104 28.56 10.31 -24.80
C ALA A 104 27.43 9.34 -25.07
N GLU A 105 27.68 8.04 -24.87
CA GLU A 105 26.62 7.05 -25.03
C GLU A 105 25.50 7.26 -24.02
N PHE A 106 25.85 7.66 -22.80
CA PHE A 106 24.86 7.99 -21.78
C PHE A 106 23.99 9.15 -22.25
N LEU A 107 24.61 10.22 -22.74
CA LEU A 107 23.86 11.37 -23.21
C LEU A 107 22.88 10.97 -24.30
N LEU A 108 23.32 10.14 -25.25
CA LEU A 108 22.42 9.59 -26.25
C LEU A 108 21.21 8.94 -25.59
N TRP A 109 21.46 8.06 -24.61
CA TRP A 109 20.39 7.36 -23.91
C TRP A 109 19.50 8.34 -23.15
N ALA A 110 20.11 9.29 -22.45
CA ALA A 110 19.36 10.24 -21.62
C ALA A 110 18.40 11.07 -22.44
N LEU A 111 18.77 11.40 -23.68
CA LEU A 111 18.10 12.45 -24.43
C LEU A 111 17.19 11.93 -25.55
N THR A 112 17.22 10.65 -25.88
CA THR A 112 16.41 10.11 -26.98
C THR A 112 15.35 9.12 -26.50
N SER A 113 14.74 9.43 -25.38
CA SER A 113 13.58 8.71 -24.87
C SER A 113 12.42 8.84 -25.86
N PRO A 114 11.40 7.99 -25.75
CA PRO A 114 10.31 8.03 -26.74
C PRO A 114 9.64 9.40 -26.82
N ASN A 115 9.29 9.80 -28.04
CA ASN A 115 8.64 11.06 -28.36
C ASN A 115 9.50 12.26 -28.01
N TYR A 116 10.80 12.07 -27.77
CA TYR A 116 11.65 13.22 -27.51
C TYR A 116 11.67 14.16 -28.73
N LEU A 117 11.98 15.42 -28.46
CA LEU A 117 12.12 16.43 -29.50
C LEU A 117 13.58 16.85 -29.60
N LYS A 118 14.15 16.72 -30.79
CA LYS A 118 15.51 17.20 -31.01
C LYS A 118 15.61 18.71 -30.81
N THR A 119 14.53 19.46 -31.12
CA THR A 119 14.51 20.89 -30.88
C THR A 119 14.42 21.25 -29.41
N TRP A 120 14.37 20.27 -28.50
CA TRP A 120 14.52 20.52 -27.07
C TRP A 120 15.95 20.27 -26.58
N HIS A 121 16.88 20.05 -27.50
CA HIS A 121 18.28 19.88 -27.15
C HIS A 121 18.98 21.11 -27.70
N ILE A 122 19.05 22.16 -26.87
CA ILE A 122 19.38 23.51 -27.31
C ILE A 122 20.81 23.87 -26.95
N GLY A 123 21.61 24.22 -27.95
CA GLY A 123 22.93 24.77 -27.69
C GLY A 123 23.09 26.24 -28.02
N VAL A 124 24.09 26.87 -27.43
CA VAL A 124 24.52 28.22 -27.80
C VAL A 124 25.98 28.13 -28.24
N LYS A 125 26.28 28.66 -29.42
CA LYS A 125 27.63 28.66 -29.96
C LYS A 125 28.20 30.08 -29.97
N TYR A 126 29.48 30.19 -29.60
CA TYR A 126 30.27 31.37 -29.89
C TYR A 126 30.62 31.35 -31.37
N ASP A 127 30.03 32.29 -32.14
CA ASP A 127 30.15 32.27 -33.60
C ASP A 127 31.60 32.22 -34.06
N ALA A 128 32.44 33.05 -33.44
CA ALA A 128 33.77 33.32 -33.98
C ALA A 128 34.63 32.05 -34.02
N SER A 129 34.41 31.14 -33.08
CA SER A 129 35.12 29.87 -33.06
C SER A 129 34.22 28.69 -33.40
N ASN A 130 32.92 28.92 -33.58
CA ASN A 130 31.95 27.86 -33.85
C ASN A 130 31.98 26.78 -32.76
N LYS A 131 32.14 27.20 -31.51
CA LYS A 131 32.23 26.26 -30.40
C LYS A 131 31.02 26.39 -29.48
N LEU A 132 30.53 25.25 -28.98
CA LEU A 132 29.41 25.22 -28.05
C LEU A 132 29.85 25.74 -26.68
N ILE A 133 29.10 26.70 -26.14
CA ILE A 133 29.42 27.28 -24.83
C ILE A 133 28.24 27.25 -23.89
N GLY A 134 27.08 26.83 -24.36
CA GLY A 134 25.92 26.72 -23.50
C GLY A 134 25.03 25.61 -24.01
N PHE A 135 24.30 24.99 -23.10
CA PHE A 135 23.42 23.89 -23.45
C PHE A 135 22.31 23.79 -22.43
N ILE A 136 21.15 23.34 -22.88
CA ILE A 136 20.08 22.92 -21.97
C ILE A 136 19.25 21.92 -22.76
N SER A 137 18.62 20.98 -22.04
CA SER A 137 17.85 19.93 -22.69
C SER A 137 16.55 19.67 -21.96
N ALA A 138 15.59 19.10 -22.67
CA ALA A 138 14.38 18.59 -22.04
C ALA A 138 13.89 17.39 -22.83
N ILE A 139 13.22 16.46 -22.13
CA ILE A 139 12.52 15.35 -22.76
C ILE A 139 11.09 15.30 -22.22
N PRO A 140 10.12 14.87 -23.02
CA PRO A 140 8.73 14.87 -22.53
C PRO A 140 8.38 13.58 -21.80
N THR A 141 7.60 13.72 -20.74
CA THR A 141 7.15 12.55 -19.98
C THR A 141 5.87 12.90 -19.21
N ASP A 142 5.03 11.90 -19.02
CA ASP A 142 3.86 12.07 -18.16
C ASP A 142 4.30 11.99 -16.70
N ILE A 143 4.01 13.05 -15.95
CA ILE A 143 4.37 13.16 -14.53
C ILE A 143 3.09 13.16 -13.71
N CYS A 144 2.99 12.22 -12.77
CA CYS A 144 1.87 12.15 -11.84
C CYS A 144 2.27 12.86 -10.55
N ILE A 145 1.59 13.97 -10.26
CA ILE A 145 1.88 14.78 -9.09
C ILE A 145 0.63 14.81 -8.20
N HIS A 146 0.76 14.34 -6.97
CA HIS A 146 -0.37 14.24 -6.05
C HIS A 146 -1.57 13.60 -6.75
N LYS A 147 -1.32 12.49 -7.43
CA LYS A 147 -2.32 11.64 -8.06
C LYS A 147 -2.92 12.24 -9.33
N ARG A 148 -2.39 13.37 -9.81
CA ARG A 148 -2.84 14.02 -11.04
C ARG A 148 -1.74 13.91 -12.09
N THR A 149 -2.08 13.39 -13.27
CA THR A 149 -1.09 13.08 -14.28
C THR A 149 -1.05 14.17 -15.35
N ILE A 150 0.11 14.80 -15.51
CA ILE A 150 0.30 15.97 -16.36
C ILE A 150 1.46 15.68 -17.31
N LYS A 151 1.26 15.95 -18.60
CA LYS A 151 2.36 15.93 -19.55
C LYS A 151 3.34 17.05 -19.21
N MET A 152 4.60 16.70 -19.00
CA MET A 152 5.59 17.67 -18.58
C MET A 152 6.85 17.53 -19.43
N ALA A 153 7.71 18.54 -19.34
CA ALA A 153 9.07 18.46 -19.83
C ALA A 153 10.00 18.20 -18.66
N GLU A 154 10.90 17.24 -18.82
CA GLU A 154 11.91 16.95 -17.81
C GLU A 154 13.19 17.64 -18.28
N VAL A 155 13.58 18.71 -17.55
CA VAL A 155 14.71 19.58 -17.93
C VAL A 155 15.99 19.05 -17.30
N ASN A 156 17.08 19.03 -18.07
CA ASN A 156 18.33 18.50 -17.56
C ASN A 156 19.49 19.08 -18.36
N PHE A 157 20.68 18.96 -17.78
CA PHE A 157 21.94 19.25 -18.48
C PHE A 157 22.08 20.73 -18.83
N LEU A 158 21.45 21.63 -18.08
CA LEU A 158 21.71 23.05 -18.21
C LEU A 158 23.18 23.31 -17.92
N CYS A 159 23.88 23.92 -18.86
CA CYS A 159 25.30 24.16 -18.62
C CYS A 159 25.75 25.40 -19.38
N VAL A 160 26.50 26.25 -18.68
CA VAL A 160 27.13 27.44 -19.25
C VAL A 160 28.63 27.33 -19.05
N HIS A 161 29.38 27.59 -20.12
CA HIS A 161 30.82 27.42 -20.05
C HIS A 161 31.41 28.22 -18.90
N LYS A 162 32.44 27.65 -18.27
CA LYS A 162 33.04 28.27 -17.08
C LYS A 162 33.52 29.68 -17.36
N THR A 163 33.92 29.98 -18.59
CA THR A 163 34.41 31.32 -18.88
C THR A 163 33.30 32.35 -18.99
N LEU A 164 32.04 31.94 -19.01
CA LEU A 164 30.91 32.84 -19.24
C LEU A 164 29.93 32.82 -18.08
N ARG A 165 30.37 32.40 -16.89
CA ARG A 165 29.51 32.31 -15.72
C ARG A 165 29.09 33.69 -15.21
N SER A 166 27.92 33.73 -14.60
CA SER A 166 27.40 34.96 -13.98
C SER A 166 27.18 36.07 -15.00
N LYS A 167 26.89 35.74 -16.25
CA LYS A 167 26.56 36.73 -17.26
C LYS A 167 25.09 36.67 -17.65
N ARG A 168 24.27 35.99 -16.82
CA ARG A 168 22.83 35.87 -17.04
C ARG A 168 22.51 35.08 -18.30
N LEU A 169 23.40 34.19 -18.72
CA LEU A 169 23.07 33.36 -19.88
C LEU A 169 22.03 32.31 -19.53
N ALA A 170 22.08 31.77 -18.31
CA ALA A 170 21.15 30.69 -17.95
C ALA A 170 19.69 31.10 -18.04
N PRO A 171 19.25 32.27 -17.56
CA PRO A 171 17.86 32.68 -17.82
C PRO A 171 17.50 32.64 -19.30
N VAL A 172 18.39 33.06 -20.20
CA VAL A 172 18.08 33.02 -21.62
C VAL A 172 17.88 31.57 -22.08
N LEU A 173 18.78 30.68 -21.67
CA LEU A 173 18.61 29.27 -21.99
C LEU A 173 17.30 28.71 -21.44
N ILE A 174 16.98 29.05 -20.18
CA ILE A 174 15.75 28.56 -19.57
C ILE A 174 14.53 29.13 -20.28
N LYS A 175 14.57 30.42 -20.62
CA LYS A 175 13.42 31.02 -21.28
C LYS A 175 13.24 30.46 -22.68
N GLU A 176 14.33 30.25 -23.41
CA GLU A 176 14.19 29.72 -24.77
C GLU A 176 13.61 28.32 -24.78
N ILE A 177 14.07 27.46 -23.86
CA ILE A 177 13.54 26.09 -23.86
C ILE A 177 12.10 26.10 -23.35
N THR A 178 11.76 27.00 -22.44
CA THR A 178 10.37 27.15 -22.03
C THR A 178 9.47 27.47 -23.23
N ARG A 179 9.92 28.39 -24.08
CA ARG A 179 9.18 28.74 -25.27
C ARG A 179 9.00 27.52 -26.19
N ARG A 180 10.08 26.79 -26.43
CA ARG A 180 10.01 25.64 -27.33
C ARG A 180 9.09 24.56 -26.75
N ILE A 181 9.10 24.40 -25.44
CA ILE A 181 8.22 23.43 -24.80
C ILE A 181 6.77 23.91 -24.89
N ASN A 182 6.53 25.20 -24.64
CA ASN A 182 5.18 25.73 -24.76
C ASN A 182 4.61 25.55 -26.15
N LEU A 183 5.45 25.61 -27.19
CA LEU A 183 4.97 25.44 -28.56
C LEU A 183 4.37 24.06 -28.78
N GLU A 184 4.71 23.09 -27.93
CA GLU A 184 4.12 21.76 -28.01
C GLU A 184 2.96 21.61 -27.05
N ASN A 185 2.37 22.72 -26.61
CA ASN A 185 1.20 22.70 -25.73
C ASN A 185 1.50 21.99 -24.41
N ILE A 186 2.72 22.19 -23.90
CA ILE A 186 3.17 21.64 -22.63
C ILE A 186 3.56 22.82 -21.73
N TRP A 187 2.95 22.90 -20.55
CA TRP A 187 3.05 24.10 -19.71
C TRP A 187 3.60 23.81 -18.31
N GLN A 188 4.11 22.61 -18.07
CA GLN A 188 4.69 22.21 -16.80
C GLN A 188 6.04 21.56 -17.06
N ALA A 189 6.94 21.61 -16.07
CA ALA A 189 8.21 20.89 -16.18
C ALA A 189 8.63 20.38 -14.82
N ILE A 190 9.45 19.33 -14.82
CA ILE A 190 10.10 18.85 -13.61
C ILE A 190 11.61 18.99 -13.79
N TYR A 191 12.29 19.43 -12.73
CA TYR A 191 13.74 19.52 -12.78
C TYR A 191 14.29 19.36 -11.37
N THR A 192 15.59 19.07 -11.30
CA THR A 192 16.30 18.88 -10.03
C THR A 192 17.58 19.72 -10.03
N ALA A 193 18.02 20.10 -8.84
CA ALA A 193 19.28 20.81 -8.76
C ALA A 193 19.85 20.68 -7.36
N GLY A 194 21.18 20.74 -7.28
CA GLY A 194 21.84 20.81 -5.98
C GLY A 194 21.66 22.16 -5.29
N VAL A 195 21.41 23.25 -6.07
CA VAL A 195 21.22 24.59 -5.52
C VAL A 195 19.77 24.79 -5.12
N TYR A 196 19.55 25.64 -4.11
CA TYR A 196 18.21 25.95 -3.65
C TYR A 196 17.65 27.08 -4.50
N LEU A 197 16.49 26.84 -5.09
CA LEU A 197 15.78 27.81 -5.91
C LEU A 197 14.35 27.88 -5.43
N PRO A 198 13.60 28.91 -5.83
CA PRO A 198 12.15 28.92 -5.54
C PRO A 198 11.43 27.93 -6.44
N LYS A 199 10.80 26.90 -5.86
CA LYS A 199 10.93 26.47 -4.47
C LYS A 199 10.75 24.95 -4.53
N PRO A 200 11.55 24.19 -3.78
CA PRO A 200 11.48 22.73 -3.92
C PRO A 200 10.11 22.17 -3.53
N VAL A 201 9.66 21.18 -4.30
N VAL A 201 9.67 21.16 -4.29
CA VAL A 201 8.55 20.36 -3.81
CA VAL A 201 8.56 20.36 -3.84
C VAL A 201 9.06 19.29 -2.85
C VAL A 201 9.03 19.23 -2.94
N SER A 202 10.32 18.88 -3.01
CA SER A 202 10.92 17.92 -2.09
C SER A 202 12.41 18.15 -2.11
N ASP A 203 13.09 17.72 -1.03
CA ASP A 203 14.53 17.88 -0.86
C ASP A 203 15.11 16.55 -0.41
N ALA A 204 16.12 16.04 -1.13
CA ALA A 204 16.60 14.67 -0.95
C ALA A 204 18.11 14.65 -0.71
N ARG A 205 18.51 14.28 0.51
CA ARG A 205 19.93 14.03 0.78
C ARG A 205 20.40 12.82 -0.03
N TYR A 206 21.66 12.87 -0.49
CA TYR A 206 22.26 11.72 -1.14
C TYR A 206 23.23 11.01 -0.21
N TYR A 207 23.39 9.71 -0.47
CA TYR A 207 24.22 8.82 0.33
C TYR A 207 25.12 8.00 -0.59
N HIS A 208 26.20 7.46 -0.04
CA HIS A 208 27.12 6.63 -0.80
C HIS A 208 27.40 5.34 -0.06
N ARG A 209 27.67 4.27 -0.81
CA ARG A 209 28.08 2.99 -0.26
C ARG A 209 29.42 2.65 -0.92
N SER A 210 30.48 2.62 -0.13
CA SER A 210 31.81 2.39 -0.67
CA SER A 210 31.81 2.40 -0.70
C SER A 210 31.95 0.97 -1.20
N ILE A 211 32.64 0.82 -2.33
CA ILE A 211 32.89 -0.51 -2.90
C ILE A 211 34.38 -0.69 -3.09
N ASN A 212 35.01 0.22 -3.85
CA ASN A 212 36.47 0.24 -4.01
C ASN A 212 37.02 1.14 -2.90
N VAL A 213 37.19 0.54 -1.72
CA VAL A 213 37.48 1.29 -0.50
C VAL A 213 38.81 2.03 -0.63
N LYS A 214 39.85 1.32 -1.09
CA LYS A 214 41.18 1.91 -1.20
C LYS A 214 41.16 3.13 -2.12
N LYS A 215 40.40 3.05 -3.22
CA LYS A 215 40.37 4.15 -4.18
C LYS A 215 39.65 5.37 -3.60
N LEU A 216 38.54 5.15 -2.90
CA LEU A 216 37.83 6.29 -2.34
C LEU A 216 38.66 7.00 -1.27
N ILE A 217 39.53 6.26 -0.58
CA ILE A 217 40.38 6.89 0.43
C ILE A 217 41.52 7.65 -0.25
N GLU A 218 42.17 7.01 -1.23
CA GLU A 218 43.30 7.63 -1.91
C GLU A 218 42.90 8.95 -2.58
N ILE A 219 41.70 9.02 -3.15
CA ILE A 219 41.34 10.25 -3.84
C ILE A 219 40.87 11.34 -2.87
N GLY A 220 40.69 11.02 -1.59
CA GLY A 220 40.30 11.99 -0.60
C GLY A 220 38.81 12.10 -0.31
N PHE A 221 38.02 11.12 -0.72
CA PHE A 221 36.58 11.19 -0.47
C PHE A 221 36.18 10.49 0.82
N SER A 222 36.74 9.32 1.11
CA SER A 222 36.44 8.61 2.35
C SER A 222 37.54 8.86 3.37
N SER A 223 37.19 8.66 4.64
CA SER A 223 38.09 8.99 5.74
C SER A 223 38.37 7.78 6.61
N LEU A 224 39.54 7.80 7.24
CA LEU A 224 39.96 6.74 8.16
C LEU A 224 40.17 7.36 9.54
N ASN A 225 40.31 6.51 10.55
CA ASN A 225 40.68 6.97 11.88
C ASN A 225 41.20 5.77 12.66
N SER A 226 41.48 5.98 13.94
CA SER A 226 42.06 4.92 14.77
C SER A 226 41.15 3.70 14.81
N ARG A 227 39.84 3.91 14.86
CA ARG A 227 38.91 2.79 14.92
C ARG A 227 38.75 2.14 13.56
N LEU A 228 38.70 2.95 12.49
CA LEU A 228 38.57 2.47 11.13
C LEU A 228 39.91 2.67 10.40
N THR A 229 40.82 1.72 10.59
CA THR A 229 42.03 1.68 9.80
C THR A 229 41.73 1.22 8.37
N MET A 230 42.72 1.34 7.50
CA MET A 230 42.56 0.93 6.10
C MET A 230 42.09 -0.52 6.00
N SER A 231 42.72 -1.41 6.75
CA SER A 231 42.39 -2.82 6.60
C SER A 231 41.00 -3.12 7.17
N ARG A 232 40.61 -2.43 8.24
CA ARG A 232 39.26 -2.62 8.79
C ARG A 232 38.18 -2.04 7.90
N ALA A 233 38.43 -0.88 7.27
CA ALA A 233 37.51 -0.34 6.28
C ALA A 233 37.32 -1.32 5.12
N ILE A 234 38.42 -1.81 4.57
CA ILE A 234 38.35 -2.80 3.49
C ILE A 234 37.46 -3.97 3.90
N LYS A 235 37.66 -4.46 5.14
CA LYS A 235 36.84 -5.58 5.60
C LYS A 235 35.39 -5.17 5.80
N LEU A 236 35.16 -4.00 6.37
CA LEU A 236 33.81 -3.56 6.66
C LEU A 236 32.96 -3.48 5.40
N TYR A 237 33.52 -2.98 4.31
CA TYR A 237 32.74 -2.77 3.09
C TYR A 237 32.85 -3.93 2.11
N ARG A 238 33.64 -4.96 2.43
CA ARG A 238 33.63 -6.18 1.62
C ARG A 238 32.23 -6.79 1.60
N VAL A 239 31.85 -7.34 0.47
CA VAL A 239 30.53 -7.94 0.34
C VAL A 239 30.66 -9.42 -0.03
N GLU A 240 29.68 -10.21 0.37
CA GLU A 240 29.60 -11.59 -0.07
C GLU A 240 29.18 -11.61 -1.54
N ASP A 241 29.90 -12.39 -2.35
CA ASP A 241 29.60 -12.49 -3.77
C ASP A 241 28.46 -13.48 -4.04
N THR A 242 27.35 -13.35 -3.31
CA THR A 242 26.20 -14.25 -3.47
C THR A 242 24.91 -13.46 -3.37
N LEU A 243 24.14 -13.46 -4.46
CA LEU A 243 22.87 -12.74 -4.49
C LEU A 243 21.91 -13.32 -3.46
N ASN A 244 21.19 -12.44 -2.75
CA ASN A 244 20.05 -12.86 -1.97
C ASN A 244 18.94 -13.43 -2.86
N ILE A 245 18.81 -12.89 -4.07
CA ILE A 245 17.81 -13.31 -5.04
C ILE A 245 18.56 -14.06 -6.14
N LYS A 246 18.53 -15.39 -6.08
CA LYS A 246 19.48 -16.23 -6.80
C LYS A 246 19.47 -15.97 -8.30
N ASN A 247 18.30 -15.73 -8.87
CA ASN A 247 18.16 -15.69 -10.33
C ASN A 247 18.09 -14.28 -10.89
N MET A 248 18.44 -13.26 -10.11
CA MET A 248 18.61 -11.92 -10.67
C MET A 248 19.50 -11.99 -11.90
N ARG A 249 18.96 -11.56 -13.04
CA ARG A 249 19.67 -11.60 -14.32
C ARG A 249 19.39 -10.31 -15.08
N LEU A 250 20.31 -9.97 -15.99
CA LEU A 250 20.13 -8.81 -16.84
C LEU A 250 18.78 -8.87 -17.54
N MET A 251 18.10 -7.73 -17.57
CA MET A 251 16.81 -7.61 -18.21
C MET A 251 16.94 -7.77 -19.71
N LYS A 252 15.99 -8.48 -20.31
CA LYS A 252 15.90 -8.61 -21.76
C LYS A 252 14.54 -8.09 -22.23
N LYS A 253 14.41 -7.97 -23.54
CA LYS A 253 13.20 -7.40 -24.13
C LYS A 253 11.95 -8.16 -23.73
N LYS A 254 12.05 -9.48 -23.51
CA LYS A 254 10.88 -10.23 -23.07
C LYS A 254 10.36 -9.76 -21.71
N ASP A 255 11.17 -9.07 -20.91
CA ASP A 255 10.75 -8.62 -19.59
C ASP A 255 10.05 -7.25 -19.59
N VAL A 256 9.88 -6.60 -20.73
CA VAL A 256 9.40 -5.22 -20.72
C VAL A 256 8.01 -5.14 -20.11
N GLU A 257 7.11 -6.03 -20.54
CA GLU A 257 5.76 -6.04 -19.97
C GLU A 257 5.81 -6.31 -18.47
N GLY A 258 6.60 -7.30 -18.05
CA GLY A 258 6.72 -7.60 -16.63
C GLY A 258 7.25 -6.44 -15.82
N VAL A 259 8.34 -5.82 -16.28
CA VAL A 259 8.88 -4.66 -15.56
C VAL A 259 7.86 -3.52 -15.54
N HIS A 260 7.16 -3.30 -16.64
CA HIS A 260 6.14 -2.24 -16.69
C HIS A 260 5.08 -2.43 -15.60
N LYS A 261 4.62 -3.66 -15.39
CA LYS A 261 3.64 -3.91 -14.33
C LYS A 261 4.27 -3.75 -12.95
N LEU A 262 5.43 -4.38 -12.72
CA LEU A 262 6.04 -4.35 -11.40
C LEU A 262 6.36 -2.93 -10.96
N LEU A 263 7.14 -2.21 -11.77
CA LEU A 263 7.47 -0.83 -11.42
C LEU A 263 6.22 0.04 -11.39
N GLY A 264 5.32 -0.14 -12.35
CA GLY A 264 4.17 0.72 -12.44
C GLY A 264 3.27 0.62 -11.23
N SER A 265 3.09 -0.61 -10.72
CA SER A 265 2.35 -0.82 -9.49
C SER A 265 3.08 -0.19 -8.30
N TYR A 266 4.40 -0.36 -8.23
CA TYR A 266 5.18 0.22 -7.14
C TYR A 266 5.07 1.75 -7.08
N LEU A 267 5.15 2.41 -8.23
CA LEU A 267 5.31 3.86 -8.24
C LEU A 267 4.02 4.62 -7.91
N GLU A 268 2.86 3.98 -8.04
CA GLU A 268 1.60 4.70 -7.82
C GLU A 268 1.43 5.16 -6.38
N GLN A 269 2.19 4.60 -5.43
CA GLN A 269 2.09 5.03 -4.04
C GLN A 269 2.69 6.39 -3.81
N PHE A 270 3.52 6.88 -4.71
CA PHE A 270 4.31 8.07 -4.41
C PHE A 270 3.60 9.35 -4.88
N ASN A 271 4.00 10.46 -4.26
CA ASN A 271 3.42 11.75 -4.61
C ASN A 271 3.96 12.32 -5.91
N LEU A 272 5.11 11.84 -6.37
CA LEU A 272 5.71 12.38 -7.61
C LEU A 272 6.39 11.23 -8.33
N TYR A 273 5.86 10.83 -9.49
CA TYR A 273 6.49 9.79 -10.26
C TYR A 273 6.16 9.96 -11.75
N ALA A 274 6.94 9.31 -12.59
CA ALA A 274 6.66 9.29 -14.03
C ALA A 274 5.77 8.11 -14.35
N VAL A 275 4.76 8.33 -15.18
CA VAL A 275 3.86 7.25 -15.59
C VAL A 275 4.45 6.67 -16.89
N PHE A 276 5.21 5.60 -16.74
CA PHE A 276 5.93 5.03 -17.88
C PHE A 276 5.01 4.24 -18.82
N THR A 277 5.12 4.49 -20.12
CA THR A 277 4.57 3.53 -21.08
C THR A 277 5.52 2.35 -21.24
N LYS A 278 5.05 1.30 -21.93
CA LYS A 278 5.92 0.17 -22.20
C LYS A 278 7.11 0.60 -23.05
N GLU A 279 6.90 1.48 -24.03
CA GLU A 279 8.02 1.99 -24.83
C GLU A 279 9.03 2.69 -23.93
N GLU A 280 8.55 3.47 -22.95
CA GLU A 280 9.48 4.12 -22.05
C GLU A 280 10.18 3.11 -21.15
N ILE A 281 9.49 2.04 -20.75
CA ILE A 281 10.16 1.01 -19.96
C ILE A 281 11.30 0.40 -20.75
N ALA A 282 11.06 0.06 -22.01
CA ALA A 282 12.10 -0.54 -22.84
C ALA A 282 13.31 0.39 -22.95
N HIS A 283 13.05 1.68 -23.23
CA HIS A 283 14.16 2.62 -23.39
C HIS A 283 14.95 2.81 -22.10
N TRP A 284 14.26 2.95 -20.96
CA TRP A 284 14.94 3.37 -19.74
C TRP A 284 15.59 2.23 -18.98
N PHE A 285 15.21 0.97 -19.26
CA PHE A 285 15.66 -0.14 -18.43
C PHE A 285 16.43 -1.22 -19.16
N LEU A 286 16.24 -1.40 -20.46
CA LEU A 286 16.99 -2.44 -21.15
C LEU A 286 18.47 -2.08 -21.13
N PRO A 287 19.35 -3.03 -20.79
CA PRO A 287 20.71 -2.66 -20.35
C PRO A 287 21.57 -2.18 -21.51
N ILE A 288 22.37 -1.16 -21.22
CA ILE A 288 23.43 -0.69 -22.10
C ILE A 288 24.70 -0.62 -21.27
N GLU A 289 25.75 -1.29 -21.75
CA GLU A 289 27.02 -1.34 -21.03
C GLU A 289 27.55 0.06 -20.76
N ASN A 290 28.02 0.28 -19.53
CA ASN A 290 28.54 1.56 -19.07
C ASN A 290 27.50 2.68 -19.16
N VAL A 291 26.21 2.33 -19.20
CA VAL A 291 25.17 3.36 -19.17
C VAL A 291 24.07 2.99 -18.16
N ILE A 292 23.32 1.91 -18.43
CA ILE A 292 22.17 1.54 -17.60
C ILE A 292 22.18 0.03 -17.37
N TYR A 293 22.01 -0.37 -16.12
CA TYR A 293 22.06 -1.77 -15.71
C TYR A 293 20.75 -2.10 -15.03
N THR A 294 20.00 -3.05 -15.58
CA THR A 294 18.77 -3.53 -14.96
C THR A 294 18.86 -5.04 -14.81
N TYR A 295 18.55 -5.54 -13.62
CA TYR A 295 18.48 -6.97 -13.36
C TYR A 295 17.08 -7.31 -12.87
N VAL A 296 16.60 -8.48 -13.27
CA VAL A 296 15.24 -8.89 -12.96
C VAL A 296 15.26 -10.30 -12.38
N ASN A 297 14.23 -10.59 -11.58
CA ASN A 297 13.96 -11.93 -11.08
C ASN A 297 12.62 -12.40 -11.65
N GLU A 298 12.68 -13.37 -12.55
CA GLU A 298 11.49 -13.92 -13.19
C GLU A 298 11.09 -15.22 -12.48
N GLU A 299 9.89 -15.25 -11.93
CA GLU A 299 9.33 -16.47 -11.36
C GLU A 299 7.97 -16.70 -12.01
N ASN A 300 7.72 -17.95 -12.45
CA ASN A 300 6.42 -18.31 -13.00
C ASN A 300 6.02 -17.40 -14.14
N GLY A 301 7.00 -16.97 -14.94
CA GLY A 301 6.73 -16.06 -16.02
C GLY A 301 6.46 -14.63 -15.64
N LYS A 302 6.55 -14.28 -14.35
CA LYS A 302 6.31 -12.93 -13.87
C LYS A 302 7.61 -12.30 -13.39
N ILE A 303 7.79 -11.02 -13.67
CA ILE A 303 8.93 -10.27 -13.12
C ILE A 303 8.52 -9.85 -11.72
N LYS A 304 9.14 -10.47 -10.71
CA LYS A 304 8.74 -10.20 -9.34
C LYS A 304 9.68 -9.26 -8.61
N ASP A 305 10.90 -9.08 -9.09
CA ASP A 305 11.84 -8.17 -8.44
C ASP A 305 12.72 -7.55 -9.50
N MET A 306 13.15 -6.31 -9.28
CA MET A 306 14.02 -5.64 -10.22
C MET A 306 15.03 -4.74 -9.50
N ILE A 307 16.23 -4.68 -10.07
CA ILE A 307 17.30 -3.77 -9.63
C ILE A 307 17.72 -2.96 -10.86
N SER A 308 17.91 -1.65 -10.68
CA SER A 308 18.51 -0.87 -11.76
C SER A 308 19.39 0.24 -11.20
N PHE A 309 20.49 0.49 -11.89
CA PHE A 309 21.40 1.59 -11.60
C PHE A 309 22.05 2.04 -12.89
N TYR A 310 22.33 3.33 -12.98
CA TYR A 310 23.01 3.86 -14.15
C TYR A 310 24.42 4.30 -13.78
N SER A 311 25.25 4.43 -14.82
CA SER A 311 26.67 4.74 -14.66
C SER A 311 26.87 6.23 -14.89
N LEU A 312 27.48 6.90 -13.91
CA LEU A 312 27.74 8.34 -13.98
C LEU A 312 29.11 8.56 -13.36
N PRO A 313 30.15 8.48 -14.18
CA PRO A 313 31.50 8.75 -13.67
C PRO A 313 31.62 10.19 -13.20
N SER A 314 32.38 10.37 -12.12
CA SER A 314 32.89 11.68 -11.74
C SER A 314 34.35 11.73 -12.10
N GLN A 315 34.73 12.75 -12.88
CA GLN A 315 36.14 13.05 -13.07
C GLN A 315 36.73 13.49 -11.73
N ILE A 316 37.92 13.00 -11.43
CA ILE A 316 38.59 13.31 -10.19
C ILE A 316 39.56 14.44 -10.49
N LEU A 317 39.24 15.63 -10.01
CA LEU A 317 39.91 16.83 -10.46
C LEU A 317 41.33 16.90 -9.90
N GLY A 318 42.29 17.18 -10.77
CA GLY A 318 43.69 17.32 -10.42
C GLY A 318 44.38 16.07 -9.94
N ASN A 319 43.71 14.92 -9.91
CA ASN A 319 44.31 13.72 -9.31
C ASN A 319 45.28 13.07 -10.29
N ASP A 320 46.50 12.81 -9.82
CA ASP A 320 47.54 12.27 -10.68
C ASP A 320 47.32 10.78 -10.96
N LYS A 321 46.91 10.01 -9.96
CA LYS A 321 46.78 8.57 -10.14
C LYS A 321 45.50 8.20 -10.89
N TYR A 322 44.36 8.65 -10.40
CA TYR A 322 43.07 8.31 -10.97
C TYR A 322 42.47 9.51 -11.69
N SER A 323 41.95 9.28 -12.88
CA SER A 323 41.22 10.35 -13.57
C SER A 323 39.71 10.23 -13.41
N THR A 324 39.20 9.09 -12.93
CA THR A 324 37.77 8.81 -12.99
C THR A 324 37.33 7.93 -11.84
N LEU A 325 36.34 8.40 -11.09
CA LEU A 325 35.62 7.56 -10.14
C LEU A 325 34.44 6.93 -10.88
N ASN A 326 34.41 5.60 -10.93
CA ASN A 326 33.34 4.87 -11.62
C ASN A 326 32.22 4.65 -10.62
N ALA A 327 31.18 5.47 -10.73
CA ALA A 327 30.10 5.49 -9.75
C ALA A 327 28.81 4.96 -10.34
N ALA A 328 28.11 4.17 -9.55
CA ALA A 328 26.79 3.68 -9.93
C ALA A 328 25.75 4.44 -9.11
N TYR A 329 24.63 4.77 -9.73
CA TYR A 329 23.56 5.53 -9.11
C TYR A 329 22.28 4.70 -9.09
N SER A 330 21.69 4.56 -7.90
CA SER A 330 20.44 3.82 -7.77
C SER A 330 19.33 4.45 -8.62
N PHE A 331 18.68 3.63 -9.46
CA PHE A 331 17.69 4.14 -10.39
C PHE A 331 16.33 3.72 -9.85
N TYR A 332 15.78 2.59 -10.25
CA TYR A 332 14.53 2.09 -9.69
C TYR A 332 14.71 0.66 -9.20
N ASN A 333 14.21 0.38 -7.99
CA ASN A 333 14.33 -0.94 -7.36
C ASN A 333 13.01 -1.37 -6.74
N VAL A 334 12.53 -2.56 -7.08
CA VAL A 334 11.29 -3.11 -6.52
C VAL A 334 11.52 -4.57 -6.16
N THR A 335 11.01 -4.97 -5.00
CA THR A 335 11.06 -6.37 -4.58
C THR A 335 9.68 -6.80 -4.08
N THR A 336 9.25 -7.99 -4.50
CA THR A 336 8.11 -8.67 -3.89
C THR A 336 8.47 -9.99 -3.23
N THR A 337 9.62 -10.59 -3.55
CA THR A 337 10.01 -11.87 -2.97
C THR A 337 11.15 -11.77 -1.95
N ALA A 338 11.66 -10.57 -1.68
CA ALA A 338 12.68 -10.37 -0.67
C ALA A 338 12.38 -9.09 0.09
N THR A 339 13.15 -8.80 1.12
CA THR A 339 13.06 -7.49 1.77
C THR A 339 13.80 -6.45 0.94
N PHE A 340 13.45 -5.18 1.17
CA PHE A 340 14.07 -4.11 0.41
C PHE A 340 15.56 -4.02 0.71
N LYS A 341 15.95 -4.34 1.93
CA LYS A 341 17.36 -4.36 2.28
C LYS A 341 18.10 -5.46 1.53
N GLN A 342 17.53 -6.65 1.45
CA GLN A 342 18.19 -7.70 0.67
C GLN A 342 18.30 -7.31 -0.81
N LEU A 343 17.24 -6.70 -1.35
CA LEU A 343 17.28 -6.24 -2.73
C LEU A 343 18.41 -5.25 -2.96
N MET A 344 18.59 -4.29 -2.05
CA MET A 344 19.59 -3.27 -2.28
C MET A 344 20.99 -3.79 -2.00
N GLN A 345 21.12 -4.69 -1.03
CA GLN A 345 22.35 -5.47 -0.89
C GLN A 345 22.74 -6.14 -2.21
N ASP A 346 21.79 -6.79 -2.88
CA ASP A 346 22.06 -7.34 -4.21
C ASP A 346 22.42 -6.25 -5.21
N ALA A 347 21.73 -5.10 -5.15
CA ALA A 347 22.07 -3.98 -6.02
C ALA A 347 23.53 -3.57 -5.87
N ILE A 348 24.00 -3.46 -4.63
CA ILE A 348 25.41 -3.16 -4.39
C ILE A 348 26.29 -4.25 -4.94
N LEU A 349 25.93 -5.52 -4.70
CA LEU A 349 26.74 -6.61 -5.21
C LEU A 349 26.78 -6.58 -6.73
N LEU A 350 25.64 -6.33 -7.38
CA LEU A 350 25.65 -6.28 -8.83
C LEU A 350 26.49 -5.12 -9.33
N ALA A 351 26.47 -3.98 -8.64
CA ALA A 351 27.34 -2.88 -9.05
C ALA A 351 28.81 -3.27 -8.86
N LYS A 352 29.15 -3.95 -7.77
CA LYS A 352 30.53 -4.38 -7.60
C LYS A 352 30.94 -5.34 -8.71
N ARG A 353 30.09 -6.30 -9.05
CA ARG A 353 30.42 -7.27 -10.08
C ARG A 353 30.69 -6.58 -11.40
N ASN A 354 30.13 -5.39 -11.62
CA ASN A 354 30.35 -4.59 -12.81
C ASN A 354 31.45 -3.55 -12.64
N ASN A 355 32.26 -3.67 -11.58
CA ASN A 355 33.50 -2.90 -11.39
C ASN A 355 33.25 -1.44 -11.02
N PHE A 356 32.08 -1.11 -10.48
CA PHE A 356 31.87 0.24 -9.99
C PHE A 356 32.59 0.46 -8.67
N ASP A 357 33.05 1.70 -8.45
CA ASP A 357 33.79 1.99 -7.23
C ASP A 357 32.89 2.38 -6.08
N VAL A 358 31.65 2.79 -6.36
CA VAL A 358 30.81 3.33 -5.32
C VAL A 358 29.37 3.24 -5.81
N PHE A 359 28.45 3.05 -4.88
CA PHE A 359 27.02 3.03 -5.17
C PHE A 359 26.40 4.25 -4.49
N ASN A 360 25.63 5.04 -5.23
CA ASN A 360 25.03 6.27 -4.72
C ASN A 360 23.51 6.19 -4.78
N ALA A 361 22.86 6.77 -3.78
CA ALA A 361 21.40 6.78 -3.79
C ALA A 361 20.89 8.00 -3.05
N LEU A 362 19.70 8.43 -3.44
CA LEU A 362 19.00 9.51 -2.75
C LEU A 362 18.07 8.91 -1.71
N GLU A 363 17.73 9.72 -0.71
CA GLU A 363 16.73 9.26 0.25
C GLU A 363 15.32 9.37 -0.32
N VAL A 364 15.10 8.80 -1.52
CA VAL A 364 13.78 8.77 -2.11
C VAL A 364 13.25 7.35 -2.06
N MET A 365 11.96 7.21 -2.38
CA MET A 365 11.26 5.91 -2.31
C MET A 365 11.60 5.27 -0.96
N GLN A 366 11.90 3.97 -0.91
CA GLN A 366 12.20 3.28 0.34
C GLN A 366 13.66 3.34 0.73
N ASN A 367 14.47 4.16 0.06
CA ASN A 367 15.91 3.96 0.09
C ASN A 367 16.49 4.21 1.48
N LYS A 368 15.97 5.19 2.22
CA LYS A 368 16.61 5.55 3.47
C LYS A 368 16.58 4.40 4.47
N SER A 369 15.56 3.53 4.38
CA SER A 369 15.35 2.46 5.33
C SER A 369 16.46 1.40 5.32
N VAL A 370 17.32 1.40 4.31
CA VAL A 370 18.40 0.43 4.23
C VAL A 370 19.77 1.08 4.34
N PHE A 371 19.84 2.42 4.46
CA PHE A 371 21.14 3.10 4.40
C PHE A 371 22.01 2.72 5.58
N GLU A 372 21.44 2.65 6.78
CA GLU A 372 22.23 2.30 7.95
C GLU A 372 22.67 0.83 7.90
N ASP A 373 21.74 -0.07 7.62
CA ASP A 373 22.08 -1.49 7.67
C ASP A 373 23.09 -1.86 6.61
N LEU A 374 23.02 -1.23 5.44
CA LEU A 374 23.90 -1.55 4.34
C LEU A 374 25.14 -0.69 4.30
N LYS A 375 25.42 0.04 5.39
CA LYS A 375 26.67 0.76 5.59
C LYS A 375 26.85 1.92 4.61
N PHE A 376 25.77 2.59 4.21
CA PHE A 376 25.89 3.84 3.48
C PHE A 376 26.42 4.94 4.41
N GLY A 377 27.18 5.86 3.83
CA GLY A 377 27.54 7.10 4.49
C GLY A 377 26.74 8.23 3.89
N GLU A 378 26.35 9.19 4.72
CA GLU A 378 25.62 10.35 4.25
C GLU A 378 26.57 11.31 3.53
N GLY A 379 26.11 11.85 2.41
CA GLY A 379 26.86 12.87 1.71
C GLY A 379 26.73 14.24 2.37
N ASP A 380 27.28 15.24 1.68
CA ASP A 380 27.41 16.59 2.22
C ASP A 380 26.29 17.55 1.80
N GLY A 381 25.39 17.13 0.92
CA GLY A 381 24.39 18.04 0.42
C GLY A 381 23.15 17.31 0.00
N SER A 382 22.29 17.97 -0.78
CA SER A 382 21.02 17.38 -1.15
C SER A 382 20.65 17.77 -2.58
N LEU A 383 19.81 16.94 -3.17
CA LEU A 383 19.21 17.23 -4.46
C LEU A 383 17.77 17.69 -4.24
N LYS A 384 17.46 18.87 -4.77
CA LYS A 384 16.13 19.44 -4.65
C LYS A 384 15.31 19.08 -5.89
N TYR A 385 14.03 18.78 -5.69
CA TYR A 385 13.07 18.51 -6.75
C TYR A 385 12.18 19.73 -6.95
N TYR A 386 11.93 20.09 -8.22
CA TYR A 386 11.16 21.28 -8.57
C TYR A 386 10.10 20.99 -9.62
N LEU A 387 9.00 21.75 -9.58
CA LEU A 387 8.07 21.81 -10.69
C LEU A 387 7.94 23.24 -11.20
N TYR A 388 7.73 23.38 -12.51
CA TYR A 388 7.53 24.69 -13.13
C TYR A 388 6.06 24.85 -13.46
N ASN A 389 5.50 25.99 -13.07
CA ASN A 389 4.08 26.30 -13.29
C ASN A 389 3.17 25.27 -12.63
N TRP A 390 3.46 24.97 -11.38
CA TRP A 390 2.59 24.08 -10.63
C TRP A 390 2.66 24.44 -9.16
N LYS A 391 1.51 24.58 -8.52
CA LYS A 391 1.48 24.80 -7.10
C LYS A 391 0.80 23.63 -6.42
N CYS A 392 1.45 23.13 -5.38
CA CYS A 392 0.96 21.98 -4.64
C CYS A 392 1.70 21.97 -3.31
N ALA A 393 1.22 21.13 -2.40
CA ALA A 393 1.93 20.94 -1.14
C ALA A 393 3.26 20.24 -1.39
N SER A 394 4.28 20.61 -0.60
CA SER A 394 5.56 19.91 -0.69
C SER A 394 5.49 18.62 0.13
N PHE A 395 6.55 17.80 0.05
CA PHE A 395 6.52 16.54 0.77
C PHE A 395 7.93 16.03 1.08
N ALA A 396 8.02 15.21 2.12
CA ALA A 396 9.26 14.54 2.49
C ALA A 396 9.77 13.68 1.33
N PRO A 397 11.09 13.53 1.19
CA PRO A 397 11.65 12.83 0.01
C PRO A 397 11.26 11.34 -0.10
N ALA A 398 10.83 10.70 0.99
CA ALA A 398 10.34 9.33 0.86
C ALA A 398 9.10 9.24 -0.02
N HIS A 399 8.39 10.35 -0.24
CA HIS A 399 7.26 10.35 -1.15
C HIS A 399 7.65 10.65 -2.59
N VAL A 400 8.94 10.91 -2.85
CA VAL A 400 9.41 11.07 -4.22
C VAL A 400 9.57 9.70 -4.87
N GLY A 401 9.01 9.54 -6.06
CA GLY A 401 9.13 8.27 -6.75
C GLY A 401 9.71 8.43 -8.14
N ILE A 402 10.63 9.39 -8.29
CA ILE A 402 11.28 9.62 -9.58
C ILE A 402 12.73 10.01 -9.34
N VAL A 403 13.62 9.51 -10.20
CA VAL A 403 15.05 9.80 -10.18
C VAL A 403 15.42 10.38 -11.54
N LEU A 404 15.89 11.63 -11.55
CA LEU A 404 16.38 12.26 -12.77
C LEU A 404 17.87 12.00 -12.96
N LEU A 405 18.30 11.93 -14.22
CA LEU A 405 19.66 11.47 -14.50
C LEU A 405 20.72 12.49 -14.09
N PRO B 21 24.11 -9.53 21.68
CA PRO B 21 23.90 -10.09 23.01
C PRO B 21 23.23 -11.46 22.94
N ASP B 22 22.80 -11.98 24.09
CA ASP B 22 22.30 -13.35 24.12
C ASP B 22 20.78 -13.42 24.00
N TYR B 23 20.06 -12.50 24.66
CA TYR B 23 18.59 -12.48 24.65
C TYR B 23 18.01 -13.83 25.08
N LYS B 24 18.45 -14.29 26.26
CA LYS B 24 18.08 -15.63 26.74
C LYS B 24 16.59 -15.76 27.01
N PHE B 25 15.95 -14.69 27.50
CA PHE B 25 14.50 -14.74 27.60
C PHE B 25 13.84 -14.54 26.24
N TRP B 26 14.20 -13.47 25.53
CA TRP B 26 13.44 -13.12 24.33
C TRP B 26 13.54 -14.19 23.25
N TYR B 27 14.67 -14.88 23.15
CA TYR B 27 14.72 -15.89 22.11
C TYR B 27 13.82 -17.09 22.42
N THR B 28 13.29 -17.20 23.63
CA THR B 28 12.26 -18.19 23.91
C THR B 28 10.88 -17.74 23.44
N GLN B 29 10.74 -16.50 22.96
CA GLN B 29 9.42 -15.96 22.69
C GLN B 29 9.12 -15.96 21.19
N PRO B 30 7.83 -15.95 20.80
CA PRO B 30 7.50 -15.88 19.36
C PRO B 30 7.70 -14.46 18.84
N VAL B 31 8.96 -14.08 18.71
CA VAL B 31 9.38 -12.81 18.12
C VAL B 31 10.52 -13.11 17.16
N PRO B 32 10.82 -12.19 16.24
CA PRO B 32 11.92 -12.45 15.31
C PRO B 32 13.26 -12.45 16.04
N LYS B 33 14.15 -13.34 15.60
CA LYS B 33 15.54 -13.25 16.01
C LYS B 33 16.17 -11.99 15.43
N ILE B 34 17.28 -11.57 16.04
CA ILE B 34 17.89 -10.29 15.69
C ILE B 34 18.25 -10.21 14.21
N ASN B 35 18.47 -11.34 13.55
CA ASN B 35 18.81 -11.34 12.13
C ASN B 35 17.70 -11.86 11.24
N ASP B 36 16.49 -12.11 11.76
CA ASP B 36 15.40 -12.52 10.88
C ASP B 36 14.88 -11.34 10.08
N GLU B 37 14.56 -11.58 8.81
CA GLU B 37 13.88 -10.62 7.94
C GLU B 37 12.76 -11.31 7.17
N PHE B 38 11.67 -10.57 6.91
CA PHE B 38 10.50 -11.11 6.23
C PHE B 38 10.01 -10.16 5.13
N ASN B 39 9.69 -10.72 3.96
CA ASN B 39 9.15 -9.94 2.84
C ASN B 39 7.82 -9.32 3.21
N GLU B 40 7.43 -8.31 2.42
CA GLU B 40 6.14 -7.67 2.61
C GLU B 40 4.98 -8.64 2.39
N SER B 41 5.22 -9.76 1.71
CA SER B 41 4.19 -10.77 1.55
C SER B 41 4.02 -11.64 2.78
N VAL B 42 4.80 -11.42 3.83
CA VAL B 42 4.68 -12.16 5.07
C VAL B 42 3.98 -11.25 6.08
N ASN B 43 2.85 -11.71 6.62
CA ASN B 43 2.05 -10.89 7.52
C ASN B 43 1.13 -11.79 8.34
N GLU B 44 1.67 -12.46 9.35
CA GLU B 44 0.97 -13.55 10.01
C GLU B 44 1.67 -13.83 11.34
N PRO B 45 1.03 -14.57 12.25
CA PRO B 45 1.66 -14.87 13.54
C PRO B 45 2.83 -15.84 13.39
N PHE B 46 3.71 -15.83 14.39
CA PHE B 46 4.68 -16.92 14.50
C PHE B 46 3.99 -18.22 14.87
N ILE B 47 2.93 -18.15 15.68
CA ILE B 47 2.21 -19.31 16.18
C ILE B 47 0.71 -19.04 16.02
N SER B 48 0.03 -19.88 15.28
CA SER B 48 -1.38 -19.74 14.98
C SER B 48 -2.13 -20.89 15.62
N ASP B 49 -3.46 -20.86 15.47
CA ASP B 49 -4.32 -21.92 15.97
C ASP B 49 -4.14 -22.09 17.47
N ASN B 50 -3.93 -20.97 18.15
CA ASN B 50 -3.84 -20.97 19.59
C ASN B 50 -5.21 -21.29 20.20
N LYS B 51 -5.19 -21.86 21.41
CA LYS B 51 -6.44 -22.23 22.08
C LYS B 51 -6.46 -21.68 23.50
N VAL B 52 -7.55 -20.98 23.83
CA VAL B 52 -7.74 -20.49 25.19
C VAL B 52 -7.71 -21.65 26.18
N GLU B 53 -8.26 -22.80 25.79
CA GLU B 53 -8.40 -23.93 26.70
C GLU B 53 -7.06 -24.46 27.18
N ASP B 54 -6.00 -24.24 26.41
CA ASP B 54 -4.68 -24.78 26.70
C ASP B 54 -3.77 -23.79 27.44
N VAL B 55 -4.22 -22.56 27.64
CA VAL B 55 -3.40 -21.56 28.32
C VAL B 55 -3.25 -21.93 29.78
N ARG B 56 -2.06 -21.69 30.33
CA ARG B 56 -1.84 -21.89 31.75
C ARG B 56 -2.89 -21.15 32.55
N LYS B 57 -3.58 -21.86 33.42
CA LYS B 57 -4.61 -21.25 34.23
C LYS B 57 -4.07 -20.70 35.54
N ASP B 58 -2.90 -21.14 35.97
CA ASP B 58 -2.26 -20.72 37.21
C ASP B 58 -1.32 -19.53 36.96
N GLU B 59 -1.22 -18.65 37.95
CA GLU B 59 -0.29 -17.54 37.88
C GLU B 59 1.16 -18.03 37.88
N TYR B 60 2.03 -17.29 37.19
CA TYR B 60 3.45 -17.61 37.23
C TYR B 60 4.01 -17.49 38.64
N LYS B 61 4.95 -18.36 38.98
CA LYS B 61 5.49 -18.43 40.33
C LYS B 61 6.41 -17.24 40.61
N LEU B 62 6.28 -16.66 41.79
CA LEU B 62 7.17 -15.60 42.23
C LEU B 62 8.05 -16.10 43.36
N PRO B 63 9.22 -15.49 43.57
CA PRO B 63 10.05 -15.87 44.71
C PRO B 63 9.31 -15.64 46.00
N PRO B 64 9.63 -16.39 47.07
CA PRO B 64 8.93 -16.19 48.33
C PRO B 64 9.13 -14.78 48.83
N GLY B 65 8.11 -14.27 49.51
CA GLY B 65 8.07 -12.89 49.93
C GLY B 65 7.44 -11.94 48.93
N TYR B 66 7.13 -12.41 47.72
CA TYR B 66 6.52 -11.60 46.67
C TYR B 66 5.21 -12.23 46.22
N SER B 67 4.29 -11.39 45.76
CA SER B 67 2.98 -11.87 45.38
C SER B 67 2.39 -10.99 44.29
N TRP B 68 1.52 -11.60 43.47
CA TRP B 68 0.81 -10.85 42.44
C TRP B 68 -0.25 -9.96 43.07
N TYR B 69 -0.40 -8.77 42.50
CA TYR B 69 -1.42 -7.83 42.94
C TYR B 69 -2.14 -7.33 41.70
N VAL B 70 -3.46 -7.49 41.66
CA VAL B 70 -4.28 -6.93 40.60
C VAL B 70 -4.62 -5.51 41.00
N CYS B 71 -4.18 -4.53 40.21
CA CYS B 71 -4.37 -3.13 40.56
C CYS B 71 -5.69 -2.63 40.01
N ASP B 72 -6.47 -1.98 40.88
CA ASP B 72 -7.68 -1.26 40.45
C ASP B 72 -7.27 0.20 40.28
N VAL B 73 -6.97 0.58 39.03
CA VAL B 73 -6.45 1.92 38.76
C VAL B 73 -7.49 2.99 39.11
N LYS B 74 -8.78 2.63 39.09
CA LYS B 74 -9.81 3.57 39.52
C LYS B 74 -9.87 3.71 41.04
N ASP B 75 -9.15 2.88 41.79
CA ASP B 75 -9.03 3.03 43.24
C ASP B 75 -7.86 3.94 43.55
N GLU B 76 -8.12 5.00 44.32
CA GLU B 76 -7.11 6.04 44.53
C GLU B 76 -5.86 5.48 45.19
N LYS B 77 -6.02 4.52 46.11
CA LYS B 77 -4.86 3.95 46.80
C LYS B 77 -4.00 3.12 45.84
N ASP B 78 -4.62 2.20 45.10
CA ASP B 78 -3.88 1.44 44.09
C ASP B 78 -3.19 2.38 43.11
N ARG B 79 -3.90 3.42 42.66
CA ARG B 79 -3.34 4.30 41.64
C ARG B 79 -2.15 5.07 42.19
N SER B 80 -2.20 5.46 43.46
CA SER B 80 -1.06 6.20 44.02
C SER B 80 0.14 5.28 44.21
N GLU B 81 -0.09 4.00 44.48
CA GLU B 81 1.02 3.06 44.56
C GLU B 81 1.69 2.91 43.20
N ILE B 82 0.89 2.75 42.15
CA ILE B 82 1.43 2.69 40.80
C ILE B 82 2.20 3.98 40.49
N TYR B 83 1.62 5.13 40.85
CA TYR B 83 2.27 6.41 40.59
C TYR B 83 3.61 6.50 41.30
N THR B 84 3.65 6.07 42.56
CA THR B 84 4.90 6.16 43.33
C THR B 84 5.96 5.22 42.75
N LEU B 85 5.56 4.01 42.34
CA LEU B 85 6.51 3.10 41.72
C LEU B 85 7.13 3.71 40.47
N LEU B 86 6.29 4.26 39.59
CA LEU B 86 6.78 4.83 38.33
C LEU B 86 7.56 6.12 38.57
N THR B 87 7.09 6.96 39.48
CA THR B 87 7.78 8.22 39.75
C THR B 87 9.22 7.99 40.16
N ASP B 88 9.49 6.92 40.93
CA ASP B 88 10.83 6.68 41.45
C ASP B 88 11.65 5.69 40.61
N ASN B 89 11.03 4.94 39.69
CA ASN B 89 11.73 3.83 39.05
C ASN B 89 11.41 3.65 37.56
N TYR B 90 10.71 4.58 36.92
CA TYR B 90 10.33 4.34 35.54
C TYR B 90 11.43 4.91 34.63
N VAL B 91 11.10 5.18 33.37
CA VAL B 91 12.12 5.38 32.36
C VAL B 91 12.92 6.64 32.63
N GLU B 92 14.24 6.53 32.52
CA GLU B 92 15.12 7.69 32.50
C GLU B 92 15.70 7.83 31.10
N ASP B 93 16.07 9.05 30.73
CA ASP B 93 16.74 9.25 29.46
C ASP B 93 18.12 8.61 29.49
N ASP B 94 18.79 8.59 28.33
CA ASP B 94 20.09 7.92 28.22
C ASP B 94 21.17 8.58 29.05
N ASP B 95 21.03 9.86 29.39
CA ASP B 95 22.01 10.59 30.18
C ASP B 95 21.60 10.75 31.64
N ASN B 96 20.49 10.15 32.04
CA ASN B 96 19.99 10.23 33.42
C ASN B 96 19.87 11.69 33.86
N ILE B 97 19.39 12.54 32.96
CA ILE B 97 19.01 13.89 33.32
C ILE B 97 17.57 13.91 33.83
N PHE B 98 16.73 13.01 33.31
CA PHE B 98 15.29 13.04 33.51
C PHE B 98 14.80 11.67 33.95
N ARG B 99 13.60 11.66 34.54
CA ARG B 99 12.83 10.44 34.73
C ARG B 99 11.38 10.80 34.47
N PHE B 100 10.68 10.00 33.66
CA PHE B 100 9.28 10.27 33.37
C PHE B 100 8.52 10.37 34.68
N ASN B 101 7.61 11.34 34.75
CA ASN B 101 6.77 11.55 35.93
C ASN B 101 5.31 11.60 35.47
N TYR B 102 4.81 10.50 34.93
CA TYR B 102 3.39 10.43 34.56
C TYR B 102 2.52 10.73 35.77
N SER B 103 1.50 11.56 35.57
CA SER B 103 0.64 11.91 36.69
C SER B 103 -0.34 10.76 36.98
N ALA B 104 -0.85 10.75 38.21
CA ALA B 104 -1.86 9.76 38.55
C ALA B 104 -3.08 9.91 37.66
N GLU B 105 -3.47 11.16 37.38
CA GLU B 105 -4.59 11.43 36.47
C GLU B 105 -4.32 10.88 35.07
N PHE B 106 -3.09 11.03 34.59
CA PHE B 106 -2.72 10.47 33.29
C PHE B 106 -2.85 8.95 33.31
N LEU B 107 -2.33 8.31 34.37
CA LEU B 107 -2.36 6.86 34.44
C LEU B 107 -3.80 6.33 34.40
N LEU B 108 -4.70 6.97 35.14
CA LEU B 108 -6.11 6.61 35.10
C LEU B 108 -6.64 6.68 33.66
N TRP B 109 -6.34 7.77 32.96
CA TRP B 109 -6.71 7.91 31.56
C TRP B 109 -6.05 6.84 30.69
N ALA B 110 -4.74 6.65 30.86
CA ALA B 110 -4.01 5.73 29.99
C ALA B 110 -4.47 4.28 30.16
N LEU B 111 -5.01 3.91 31.32
CA LEU B 111 -5.32 2.52 31.58
C LEU B 111 -6.81 2.20 31.56
N THR B 112 -7.69 3.20 31.42
CA THR B 112 -9.13 2.94 31.45
C THR B 112 -9.79 3.22 30.10
N SER B 113 -9.08 2.95 29.01
CA SER B 113 -9.66 3.05 27.68
C SER B 113 -10.80 2.05 27.53
N PRO B 114 -11.66 2.23 26.53
CA PRO B 114 -12.88 1.40 26.46
C PRO B 114 -12.60 -0.10 26.40
N ASN B 115 -13.40 -0.84 27.16
CA ASN B 115 -13.32 -2.31 27.26
C ASN B 115 -11.99 -2.77 27.84
N TYR B 116 -11.34 -1.92 28.63
CA TYR B 116 -10.13 -2.35 29.33
C TYR B 116 -10.46 -3.44 30.33
N LEU B 117 -9.47 -4.29 30.61
CA LEU B 117 -9.61 -5.35 31.60
C LEU B 117 -8.78 -5.02 32.82
N LYS B 118 -9.43 -5.07 33.99
CA LYS B 118 -8.72 -4.85 35.26
C LYS B 118 -7.61 -5.86 35.43
N THR B 119 -7.82 -7.10 34.99
CA THR B 119 -6.84 -8.16 35.18
C THR B 119 -5.60 -7.97 34.32
N TRP B 120 -5.58 -6.96 33.46
CA TRP B 120 -4.39 -6.62 32.69
C TRP B 120 -3.55 -5.50 33.32
N HIS B 121 -3.86 -5.09 34.55
CA HIS B 121 -3.09 -4.08 35.28
C HIS B 121 -2.44 -4.78 36.48
N ILE B 122 -1.23 -5.27 36.28
CA ILE B 122 -0.65 -6.30 37.16
C ILE B 122 0.49 -5.69 37.95
N GLY B 123 0.43 -5.82 39.28
CA GLY B 123 1.52 -5.43 40.14
C GLY B 123 2.20 -6.63 40.80
N VAL B 124 3.37 -6.38 41.37
CA VAL B 124 4.09 -7.33 42.20
C VAL B 124 4.42 -6.61 43.50
N LYS B 125 3.93 -7.14 44.62
CA LYS B 125 4.16 -6.58 45.93
C LYS B 125 5.24 -7.37 46.66
N TYR B 126 6.07 -6.64 47.41
CA TYR B 126 6.92 -7.24 48.43
C TYR B 126 6.08 -7.35 49.69
N ASP B 127 5.76 -8.57 50.08
CA ASP B 127 4.74 -8.78 51.10
C ASP B 127 5.16 -8.24 52.46
N ALA B 128 6.46 -8.28 52.76
CA ALA B 128 6.93 -7.89 54.08
C ALA B 128 6.66 -6.42 54.37
N SER B 129 6.67 -5.59 53.33
CA SER B 129 6.38 -4.16 53.47
C SER B 129 5.08 -3.78 52.79
N ASN B 130 4.41 -4.72 52.12
CA ASN B 130 3.17 -4.44 51.41
C ASN B 130 3.36 -3.31 50.39
N LYS B 131 4.52 -3.29 49.75
CA LYS B 131 4.92 -2.24 48.83
C LYS B 131 5.01 -2.76 47.40
N LEU B 132 4.46 -2.00 46.46
CA LEU B 132 4.57 -2.34 45.05
C LEU B 132 6.01 -2.21 44.60
N ILE B 133 6.55 -3.28 44.00
CA ILE B 133 7.90 -3.22 43.45
C ILE B 133 7.94 -3.58 41.97
N GLY B 134 6.82 -3.93 41.37
CA GLY B 134 6.80 -4.28 39.96
C GLY B 134 5.43 -4.00 39.38
N PHE B 135 5.40 -3.68 38.08
CA PHE B 135 4.14 -3.35 37.41
C PHE B 135 4.25 -3.62 35.92
N ILE B 136 3.14 -4.02 35.32
CA ILE B 136 3.01 -4.12 33.87
C ILE B 136 1.52 -3.98 33.56
N SER B 137 1.22 -3.41 32.39
CA SER B 137 -0.17 -3.13 32.04
C SER B 137 -0.38 -3.39 30.55
N ALA B 138 -1.63 -3.66 30.19
CA ALA B 138 -2.00 -3.67 28.79
C ALA B 138 -3.44 -3.21 28.65
N ILE B 139 -3.75 -2.70 27.47
CA ILE B 139 -5.13 -2.35 27.12
C ILE B 139 -5.42 -2.95 25.76
N PRO B 140 -6.67 -3.33 25.46
CA PRO B 140 -6.96 -3.95 24.18
C PRO B 140 -7.28 -2.92 23.11
N THR B 141 -6.76 -3.15 21.91
CA THR B 141 -7.19 -2.34 20.78
C THR B 141 -7.01 -3.12 19.49
N ASP B 142 -7.68 -2.62 18.45
CA ASP B 142 -7.53 -3.16 17.11
C ASP B 142 -6.37 -2.47 16.43
N ILE B 143 -5.40 -3.26 16.00
CA ILE B 143 -4.17 -2.78 15.39
C ILE B 143 -4.14 -3.27 13.96
N CYS B 144 -4.03 -2.34 13.02
CA CYS B 144 -3.89 -2.68 11.62
C CYS B 144 -2.41 -2.69 11.27
N ILE B 145 -1.91 -3.87 10.89
CA ILE B 145 -0.52 -4.04 10.51
C ILE B 145 -0.50 -4.53 9.07
N HIS B 146 0.11 -3.73 8.19
CA HIS B 146 0.22 -4.08 6.77
C HIS B 146 -1.16 -4.42 6.20
N LYS B 147 -2.16 -3.61 6.55
CA LYS B 147 -3.54 -3.67 6.07
C LYS B 147 -4.34 -4.82 6.69
N ARG B 148 -3.80 -5.49 7.70
CA ARG B 148 -4.53 -6.57 8.36
C ARG B 148 -4.83 -6.16 9.79
N THR B 149 -6.11 -6.23 10.17
CA THR B 149 -6.55 -5.76 11.48
C THR B 149 -6.59 -6.95 12.43
N ILE B 150 -5.85 -6.85 13.53
CA ILE B 150 -5.72 -7.89 14.53
C ILE B 150 -6.05 -7.28 15.88
N LYS B 151 -6.86 -7.97 16.69
CA LYS B 151 -7.07 -7.53 18.06
C LYS B 151 -5.81 -7.83 18.85
N MET B 152 -5.23 -6.80 19.46
CA MET B 152 -3.96 -6.95 20.15
C MET B 152 -4.00 -6.28 21.53
N ALA B 153 -3.02 -6.65 22.35
CA ALA B 153 -2.76 -5.95 23.59
C ALA B 153 -1.71 -4.89 23.36
N GLU B 154 -1.96 -3.70 23.86
CA GLU B 154 -0.98 -2.62 23.87
C GLU B 154 -0.33 -2.61 25.25
N VAL B 155 0.92 -3.06 25.34
CA VAL B 155 1.62 -3.20 26.61
C VAL B 155 2.38 -1.93 26.96
N ASN B 156 2.30 -1.53 28.22
CA ASN B 156 2.96 -0.28 28.64
C ASN B 156 3.22 -0.34 30.13
N PHE B 157 4.13 0.54 30.57
CA PHE B 157 4.40 0.81 31.97
C PHE B 157 5.03 -0.37 32.70
N LEU B 158 5.75 -1.23 31.98
CA LEU B 158 6.59 -2.24 32.63
C LEU B 158 7.65 -1.56 33.48
N CYS B 159 7.69 -1.91 34.76
CA CYS B 159 8.59 -1.22 35.68
C CYS B 159 9.00 -2.16 36.81
N VAL B 160 10.29 -2.19 37.12
CA VAL B 160 10.82 -2.96 38.24
C VAL B 160 11.60 -2.00 39.13
N HIS B 161 11.31 -2.04 40.43
CA HIS B 161 11.98 -1.18 41.40
C HIS B 161 13.50 -1.21 41.23
N LYS B 162 14.13 -0.05 41.41
CA LYS B 162 15.57 0.07 41.17
C LYS B 162 16.38 -0.87 42.06
N THR B 163 15.89 -1.21 43.24
CA THR B 163 16.66 -2.11 44.09
C THR B 163 16.54 -3.57 43.68
N LEU B 164 15.74 -3.90 42.66
CA LEU B 164 15.51 -5.28 42.25
C LEU B 164 15.85 -5.49 40.78
N ARG B 165 16.60 -4.56 40.17
CA ARG B 165 16.98 -4.68 38.77
C ARG B 165 17.82 -5.93 38.55
N SER B 166 17.78 -6.43 37.31
CA SER B 166 18.68 -7.51 36.88
C SER B 166 18.52 -8.76 37.75
N LYS B 167 17.29 -9.04 38.16
CA LYS B 167 16.97 -10.27 38.88
C LYS B 167 15.95 -11.12 38.11
N ARG B 168 15.75 -10.81 36.83
CA ARG B 168 14.83 -11.54 35.94
C ARG B 168 13.37 -11.40 36.38
N LEU B 169 13.03 -10.35 37.10
CA LEU B 169 11.62 -10.14 37.42
C LEU B 169 10.82 -9.72 36.19
N ALA B 170 11.42 -8.98 35.28
CA ALA B 170 10.66 -8.49 34.13
C ALA B 170 10.22 -9.61 33.20
N PRO B 171 11.02 -10.67 32.96
CA PRO B 171 10.46 -11.81 32.21
C PRO B 171 9.27 -12.43 32.91
N VAL B 172 9.24 -12.42 34.24
CA VAL B 172 8.07 -12.94 34.95
C VAL B 172 6.86 -12.07 34.66
N LEU B 173 7.02 -10.75 34.75
CA LEU B 173 5.90 -9.84 34.48
C LEU B 173 5.36 -10.04 33.07
N ILE B 174 6.26 -10.12 32.08
CA ILE B 174 5.83 -10.25 30.69
C ILE B 174 5.10 -11.58 30.47
N LYS B 175 5.63 -12.68 31.03
CA LYS B 175 4.97 -13.96 30.83
C LYS B 175 3.59 -13.99 31.49
N GLU B 176 3.47 -13.40 32.68
CA GLU B 176 2.18 -13.38 33.36
C GLU B 176 1.15 -12.55 32.59
N ILE B 177 1.54 -11.35 32.11
CA ILE B 177 0.56 -10.58 31.35
C ILE B 177 0.26 -11.27 30.01
N THR B 178 1.25 -11.95 29.41
CA THR B 178 0.98 -12.72 28.19
C THR B 178 -0.09 -13.77 28.42
N ARG B 179 0.03 -14.49 29.55
CA ARG B 179 -0.96 -15.51 29.90
C ARG B 179 -2.35 -14.89 30.05
N ARG B 180 -2.44 -13.78 30.78
CA ARG B 180 -3.73 -13.14 30.99
C ARG B 180 -4.33 -12.62 29.69
N ILE B 181 -3.49 -12.14 28.78
CA ILE B 181 -4.00 -11.65 27.50
C ILE B 181 -4.46 -12.82 26.63
N ASN B 182 -3.75 -13.96 26.73
CA ASN B 182 -4.15 -15.16 26.01
C ASN B 182 -5.49 -15.70 26.51
N LEU B 183 -5.81 -15.52 27.80
CA LEU B 183 -7.11 -15.93 28.30
C LEU B 183 -8.26 -15.12 27.68
N GLU B 184 -7.96 -14.01 27.01
CA GLU B 184 -8.97 -13.26 26.28
C GLU B 184 -9.01 -13.63 24.82
N ASN B 185 -8.39 -14.75 24.42
CA ASN B 185 -8.29 -15.16 23.03
C ASN B 185 -7.56 -14.10 22.18
N ILE B 186 -6.54 -13.49 22.77
CA ILE B 186 -5.73 -12.50 22.07
C ILE B 186 -4.29 -12.97 22.10
N TRP B 187 -3.63 -13.01 20.93
CA TRP B 187 -2.34 -13.66 20.79
C TRP B 187 -1.24 -12.77 20.22
N GLN B 188 -1.54 -11.52 19.91
CA GLN B 188 -0.55 -10.55 19.48
C GLN B 188 -0.55 -9.37 20.44
N ALA B 189 0.56 -8.62 20.43
CA ALA B 189 0.63 -7.38 21.17
C ALA B 189 1.56 -6.40 20.46
N ILE B 190 1.40 -5.12 20.80
CA ILE B 190 2.25 -4.04 20.32
C ILE B 190 2.86 -3.35 21.53
N TYR B 191 4.12 -2.96 21.42
CA TYR B 191 4.80 -2.33 22.53
C TYR B 191 5.97 -1.56 21.97
N THR B 192 6.40 -0.55 22.73
CA THR B 192 7.53 0.31 22.37
C THR B 192 8.53 0.32 23.51
N ALA B 193 9.78 0.54 23.17
CA ALA B 193 10.84 0.65 24.17
C ALA B 193 11.98 1.44 23.56
N GLY B 194 12.66 2.20 24.41
CA GLY B 194 13.91 2.83 24.01
C GLY B 194 15.07 1.86 23.82
N VAL B 195 15.00 0.67 24.38
CA VAL B 195 16.09 -0.29 24.25
C VAL B 195 15.85 -1.20 23.06
N TYR B 196 16.93 -1.73 22.50
CA TYR B 196 16.87 -2.60 21.33
C TYR B 196 16.62 -4.04 21.74
N LEU B 197 15.47 -4.59 21.36
CA LEU B 197 15.09 -5.95 21.63
C LEU B 197 14.77 -6.68 20.33
N PRO B 198 14.66 -8.01 20.33
CA PRO B 198 14.25 -8.72 19.11
C PRO B 198 12.75 -8.58 18.91
N LYS B 199 12.34 -8.03 17.76
CA LYS B 199 13.16 -7.23 16.87
C LYS B 199 12.20 -6.16 16.34
N PRO B 200 12.64 -4.89 16.29
CA PRO B 200 11.71 -3.80 15.96
C PRO B 200 11.09 -3.99 14.57
N VAL B 201 9.79 -3.71 14.46
CA VAL B 201 9.19 -3.51 13.14
C VAL B 201 9.49 -2.10 12.61
N SER B 202 9.78 -1.14 13.49
CA SER B 202 10.20 0.18 13.06
C SER B 202 10.94 0.83 14.23
N ASP B 203 11.67 1.88 13.91
CA ASP B 203 12.58 2.53 14.85
C ASP B 203 12.56 4.02 14.54
N ALA B 204 12.19 4.84 15.51
CA ALA B 204 11.87 6.24 15.27
C ALA B 204 12.68 7.12 16.21
N ARG B 205 13.57 7.93 15.63
CA ARG B 205 14.21 8.98 16.38
C ARG B 205 13.17 9.95 16.93
N TYR B 206 13.43 10.46 18.12
CA TYR B 206 12.61 11.51 18.70
C TYR B 206 13.33 12.84 18.60
N TYR B 207 12.52 13.90 18.50
CA TYR B 207 12.98 15.27 18.31
C TYR B 207 12.26 16.16 19.30
N HIS B 208 12.91 17.26 19.67
CA HIS B 208 12.31 18.22 20.59
C HIS B 208 12.28 19.60 19.94
N ARG B 209 11.26 20.38 20.32
CA ARG B 209 11.15 21.78 19.91
C ARG B 209 11.12 22.61 21.19
N SER B 210 12.17 23.40 21.41
CA SER B 210 12.29 24.14 22.65
C SER B 210 11.27 25.26 22.72
N ILE B 211 10.58 25.37 23.84
CA ILE B 211 9.65 26.47 24.09
C ILE B 211 10.18 27.40 25.17
N ASN B 212 10.49 26.86 26.35
CA ASN B 212 11.14 27.63 27.42
C ASN B 212 12.63 27.38 27.26
N VAL B 213 13.26 28.20 26.41
CA VAL B 213 14.65 27.97 26.01
C VAL B 213 15.56 28.08 27.23
N LYS B 214 15.30 29.07 28.08
CA LYS B 214 16.17 29.34 29.22
C LYS B 214 16.22 28.15 30.17
N LYS B 215 15.05 27.60 30.51
CA LYS B 215 14.97 26.46 31.41
C LYS B 215 15.71 25.25 30.82
N LEU B 216 15.51 24.99 29.52
CA LEU B 216 16.18 23.86 28.89
C LEU B 216 17.70 24.02 28.87
N ILE B 217 18.19 25.25 28.72
CA ILE B 217 19.62 25.47 28.79
C ILE B 217 20.12 25.29 30.21
N GLU B 218 19.40 25.86 31.18
CA GLU B 218 19.90 25.86 32.55
C GLU B 218 19.96 24.45 33.15
N ILE B 219 19.02 23.58 32.77
CA ILE B 219 19.07 22.21 33.27
C ILE B 219 20.08 21.36 32.53
N GLY B 220 20.78 21.91 31.54
CA GLY B 220 21.78 21.19 30.81
C GLY B 220 21.28 20.37 29.65
N PHE B 221 20.01 20.54 29.25
CA PHE B 221 19.52 19.79 28.11
C PHE B 221 19.88 20.45 26.78
N SER B 222 19.78 21.78 26.70
CA SER B 222 20.02 22.49 25.45
C SER B 222 21.38 23.17 25.48
N SER B 223 21.96 23.34 24.29
CA SER B 223 23.32 23.82 24.16
C SER B 223 23.33 25.25 23.64
N LEU B 224 24.38 25.98 24.01
CA LEU B 224 24.69 27.29 23.48
C LEU B 224 26.10 27.26 22.91
N ASN B 225 26.43 28.26 22.09
CA ASN B 225 27.78 28.49 21.61
C ASN B 225 27.89 29.96 21.20
N SER B 226 29.09 30.37 20.76
CA SER B 226 29.31 31.78 20.42
C SER B 226 28.38 32.26 19.31
N ARG B 227 28.08 31.38 18.35
CA ARG B 227 27.11 31.74 17.33
C ARG B 227 25.69 31.79 17.91
N LEU B 228 25.37 30.95 18.88
CA LEU B 228 24.05 30.92 19.49
C LEU B 228 24.18 31.28 20.97
N THR B 229 24.18 32.58 21.26
CA THR B 229 24.15 33.06 22.64
C THR B 229 22.77 32.84 23.26
N MET B 230 22.68 33.06 24.58
CA MET B 230 21.39 32.91 25.25
C MET B 230 20.33 33.80 24.61
N SER B 231 20.64 35.09 24.41
CA SER B 231 19.66 36.01 23.84
C SER B 231 19.29 35.60 22.41
N ARG B 232 20.27 35.14 21.64
CA ARG B 232 19.97 34.65 20.30
C ARG B 232 19.06 33.43 20.34
N ALA B 233 19.30 32.51 21.29
CA ALA B 233 18.46 31.31 21.38
C ALA B 233 17.02 31.67 21.75
N ILE B 234 16.84 32.61 22.68
CA ILE B 234 15.50 33.04 23.07
C ILE B 234 14.77 33.66 21.88
N LYS B 235 15.47 34.46 21.09
CA LYS B 235 14.85 35.01 19.89
C LYS B 235 14.54 33.92 18.87
N LEU B 236 15.46 32.96 18.69
CA LEU B 236 15.27 31.94 17.67
C LEU B 236 14.03 31.09 17.93
N TYR B 237 13.77 30.73 19.17
CA TYR B 237 12.65 29.86 19.46
C TYR B 237 11.39 30.61 19.83
N ARG B 238 11.45 31.94 19.87
CA ARG B 238 10.25 32.74 20.09
C ARG B 238 9.25 32.49 18.97
N VAL B 239 7.97 32.46 19.32
CA VAL B 239 6.92 32.19 18.34
C VAL B 239 5.91 33.33 18.37
N GLU B 240 5.26 33.53 17.22
CA GLU B 240 4.15 34.47 17.13
C GLU B 240 2.92 33.86 17.79
N ASP B 241 2.24 34.66 18.61
CA ASP B 241 1.06 34.17 19.30
C ASP B 241 -0.18 34.30 18.42
N THR B 242 -0.10 33.82 17.18
CA THR B 242 -1.26 33.82 16.30
C THR B 242 -1.33 32.49 15.56
N LEU B 243 -2.52 31.87 15.59
CA LEU B 243 -2.69 30.58 14.94
C LEU B 243 -2.73 30.70 13.43
N ASN B 244 -2.13 29.71 12.74
CA ASN B 244 -2.30 29.60 11.30
C ASN B 244 -3.73 29.24 10.94
N ILE B 245 -4.34 28.38 11.74
CA ILE B 245 -5.73 27.99 11.58
C ILE B 245 -6.48 28.69 12.71
N LYS B 246 -7.03 29.86 12.40
CA LYS B 246 -7.54 30.77 13.42
C LYS B 246 -8.65 30.18 14.27
N ASN B 247 -9.39 29.18 13.76
CA ASN B 247 -10.55 28.69 14.47
C ASN B 247 -10.27 27.44 15.29
N MET B 248 -9.01 26.99 15.37
CA MET B 248 -8.63 25.85 16.21
C MET B 248 -9.12 26.05 17.64
N ARG B 249 -9.98 25.15 18.10
CA ARG B 249 -10.55 25.26 19.44
C ARG B 249 -10.49 23.90 20.12
N LEU B 250 -10.52 23.92 21.45
CA LEU B 250 -10.61 22.68 22.22
C LEU B 250 -11.73 21.81 21.71
N MET B 251 -11.40 20.54 21.50
CA MET B 251 -12.38 19.56 21.07
C MET B 251 -13.51 19.47 22.08
N LYS B 252 -14.74 19.29 21.58
CA LYS B 252 -15.92 19.08 22.42
C LYS B 252 -16.58 17.76 22.05
N LYS B 253 -17.54 17.36 22.88
CA LYS B 253 -18.21 16.07 22.69
C LYS B 253 -18.87 15.98 21.32
N LYS B 254 -19.47 17.08 20.85
CA LYS B 254 -20.10 17.07 19.53
C LYS B 254 -19.14 16.72 18.40
N ASP B 255 -17.83 16.87 18.61
CA ASP B 255 -16.85 16.67 17.54
C ASP B 255 -16.40 15.22 17.40
N VAL B 256 -16.87 14.32 18.29
CA VAL B 256 -16.33 12.96 18.34
C VAL B 256 -16.42 12.28 16.97
N GLU B 257 -17.60 12.32 16.36
CA GLU B 257 -17.77 11.64 15.07
C GLU B 257 -16.96 12.31 13.97
N GLY B 258 -16.87 13.64 13.98
CA GLY B 258 -16.01 14.31 13.02
C GLY B 258 -14.54 13.95 13.18
N VAL B 259 -14.07 13.88 14.43
CA VAL B 259 -12.68 13.49 14.64
C VAL B 259 -12.48 12.03 14.24
N HIS B 260 -13.46 11.18 14.55
CA HIS B 260 -13.38 9.77 14.17
C HIS B 260 -13.22 9.59 12.66
N LYS B 261 -14.03 10.30 11.88
CA LYS B 261 -13.94 10.19 10.42
C LYS B 261 -12.64 10.81 9.90
N LEU B 262 -12.23 11.96 10.44
CA LEU B 262 -11.03 12.62 9.95
C LEU B 262 -9.78 11.80 10.27
N LEU B 263 -9.63 11.38 11.52
CA LEU B 263 -8.46 10.61 11.89
C LEU B 263 -8.50 9.20 11.28
N GLY B 264 -9.68 8.58 11.24
CA GLY B 264 -9.78 7.22 10.71
C GLY B 264 -9.38 7.15 9.25
N SER B 265 -9.82 8.14 8.46
CA SER B 265 -9.43 8.20 7.06
C SER B 265 -7.94 8.44 6.91
N TYR B 266 -7.39 9.37 7.70
CA TYR B 266 -5.97 9.69 7.65
C TYR B 266 -5.10 8.47 7.98
N LEU B 267 -5.49 7.69 8.99
CA LEU B 267 -4.58 6.65 9.48
C LEU B 267 -4.47 5.46 8.53
N GLU B 268 -5.43 5.28 7.60
CA GLU B 268 -5.44 4.10 6.76
C GLU B 268 -4.23 4.01 5.83
N GLN B 269 -3.51 5.11 5.63
CA GLN B 269 -2.35 5.13 4.76
C GLN B 269 -1.10 4.51 5.39
N PHE B 270 -1.10 4.22 6.68
CA PHE B 270 0.11 3.79 7.35
C PHE B 270 0.19 2.27 7.47
N ASN B 271 1.38 1.77 7.74
CA ASN B 271 1.59 0.33 7.86
C ASN B 271 1.22 -0.21 9.23
N LEU B 272 0.98 0.67 10.20
CA LEU B 272 0.75 0.26 11.59
C LEU B 272 -0.03 1.38 12.28
N TYR B 273 -1.26 1.09 12.67
CA TYR B 273 -2.07 2.10 13.35
C TYR B 273 -3.20 1.40 14.06
N ALA B 274 -3.79 2.11 15.02
CA ALA B 274 -4.95 1.62 15.74
C ALA B 274 -6.21 1.98 14.96
N VAL B 275 -7.13 1.02 14.86
CA VAL B 275 -8.44 1.24 14.24
C VAL B 275 -9.36 1.68 15.37
N PHE B 276 -9.46 3.01 15.55
CA PHE B 276 -10.24 3.54 16.66
C PHE B 276 -11.74 3.42 16.44
N THR B 277 -12.45 3.02 17.48
CA THR B 277 -13.90 3.11 17.48
C THR B 277 -14.32 4.52 17.92
N LYS B 278 -15.59 4.86 17.72
CA LYS B 278 -16.05 6.17 18.14
C LYS B 278 -15.84 6.35 19.64
N GLU B 279 -16.16 5.33 20.43
CA GLU B 279 -15.95 5.41 21.87
C GLU B 279 -14.48 5.60 22.19
N GLU B 280 -13.58 4.97 21.43
CA GLU B 280 -12.16 5.14 21.69
C GLU B 280 -11.71 6.55 21.35
N ILE B 281 -12.24 7.11 20.26
CA ILE B 281 -12.00 8.52 19.94
C ILE B 281 -12.39 9.41 21.10
N ALA B 282 -13.59 9.20 21.65
CA ALA B 282 -14.02 10.01 22.79
C ALA B 282 -13.03 9.90 23.95
N HIS B 283 -12.55 8.68 24.22
CA HIS B 283 -11.64 8.51 25.36
C HIS B 283 -10.27 9.13 25.08
N TRP B 284 -9.72 8.90 23.88
CA TRP B 284 -8.33 9.29 23.72
C TRP B 284 -8.13 10.76 23.40
N PHE B 285 -9.20 11.50 23.00
CA PHE B 285 -9.02 12.87 22.52
C PHE B 285 -9.82 13.94 23.25
N LEU B 286 -10.97 13.62 23.85
CA LEU B 286 -11.70 14.69 24.57
C LEU B 286 -10.80 15.27 25.65
N PRO B 287 -10.60 16.59 25.67
CA PRO B 287 -9.46 17.15 26.44
C PRO B 287 -9.65 17.03 27.94
N ILE B 288 -8.53 16.77 28.61
CA ILE B 288 -8.46 16.68 30.06
C ILE B 288 -7.27 17.52 30.47
N GLU B 289 -7.51 18.54 31.30
CA GLU B 289 -6.45 19.45 31.71
C GLU B 289 -5.26 18.68 32.26
N ASN B 290 -4.08 19.01 31.75
CA ASN B 290 -2.80 18.42 32.17
C ASN B 290 -2.72 16.93 31.85
N VAL B 291 -3.52 16.45 30.91
CA VAL B 291 -3.40 15.08 30.45
C VAL B 291 -3.38 15.03 28.93
N ILE B 292 -4.47 15.45 28.30
CA ILE B 292 -4.64 15.29 26.85
C ILE B 292 -5.30 16.54 26.29
N TYR B 293 -4.66 17.15 25.30
CA TYR B 293 -5.13 18.37 24.65
C TYR B 293 -5.45 18.02 23.20
N THR B 294 -6.70 18.23 22.80
CA THR B 294 -7.08 18.07 21.42
C THR B 294 -7.80 19.34 20.97
N TYR B 295 -7.31 19.93 19.89
CA TYR B 295 -7.97 21.07 19.26
C TYR B 295 -8.44 20.66 17.87
N VAL B 296 -9.58 21.20 17.44
CA VAL B 296 -10.15 20.87 16.15
C VAL B 296 -10.51 22.16 15.43
N ASN B 297 -10.61 22.07 14.11
CA ASN B 297 -11.09 23.16 13.27
C ASN B 297 -12.37 22.71 12.57
N GLU B 298 -13.49 23.31 12.96
CA GLU B 298 -14.78 22.99 12.35
C GLU B 298 -15.07 23.98 11.24
N GLU B 299 -15.25 23.47 10.03
CA GLU B 299 -15.64 24.27 8.88
C GLU B 299 -16.87 23.64 8.24
N ASN B 300 -17.90 24.46 8.01
CA ASN B 300 -19.12 24.01 7.36
C ASN B 300 -19.69 22.78 8.07
N GLY B 301 -19.54 22.76 9.40
CA GLY B 301 -20.04 21.64 10.17
C GLY B 301 -19.23 20.37 10.06
N LYS B 302 -18.05 20.42 9.44
CA LYS B 302 -17.16 19.28 9.38
C LYS B 302 -15.84 19.58 10.09
N ILE B 303 -15.32 18.60 10.81
CA ILE B 303 -13.99 18.69 11.42
C ILE B 303 -12.98 18.44 10.31
N LYS B 304 -12.22 19.47 9.95
CA LYS B 304 -11.31 19.35 8.82
C LYS B 304 -9.84 19.32 9.22
N ASP B 305 -9.52 19.67 10.45
CA ASP B 305 -8.15 19.62 10.96
C ASP B 305 -8.21 19.33 12.45
N MET B 306 -7.18 18.66 12.95
CA MET B 306 -7.10 18.40 14.38
C MET B 306 -5.63 18.41 14.81
N ILE B 307 -5.42 18.82 16.06
CA ILE B 307 -4.12 18.84 16.73
C ILE B 307 -4.30 18.14 18.06
N SER B 308 -3.37 17.25 18.41
CA SER B 308 -3.46 16.67 19.74
C SER B 308 -2.06 16.38 20.29
N PHE B 309 -1.90 16.65 21.58
CA PHE B 309 -0.69 16.35 22.32
C PHE B 309 -1.07 16.01 23.76
N TYR B 310 -0.25 15.16 24.39
CA TYR B 310 -0.50 14.82 25.78
C TYR B 310 0.63 15.33 26.66
N SER B 311 0.36 15.38 27.96
CA SER B 311 1.25 15.94 28.97
C SER B 311 2.04 14.84 29.67
N LEU B 312 3.36 14.88 29.53
CA LEU B 312 4.24 13.89 30.17
C LEU B 312 5.43 14.61 30.78
N PRO B 313 5.38 14.95 32.06
CA PRO B 313 6.51 15.62 32.69
C PRO B 313 7.68 14.67 32.84
N SER B 314 8.88 15.25 32.83
CA SER B 314 10.07 14.54 33.28
C SER B 314 10.55 15.20 34.55
N GLN B 315 10.72 14.40 35.59
CA GLN B 315 11.40 14.91 36.78
C GLN B 315 12.85 15.20 36.40
N ILE B 316 13.34 16.36 36.77
CA ILE B 316 14.72 16.76 36.53
C ILE B 316 15.55 16.27 37.72
N LEU B 317 16.49 15.36 37.45
CA LEU B 317 17.20 14.67 38.52
C LEU B 317 18.37 15.53 39.02
N GLY B 318 18.35 15.85 40.32
CA GLY B 318 19.47 16.53 40.95
C GLY B 318 19.74 17.97 40.54
N ASN B 319 18.72 18.71 40.09
CA ASN B 319 18.87 20.13 39.76
C ASN B 319 18.27 20.98 40.88
N ASP B 320 19.05 21.95 41.37
CA ASP B 320 18.58 22.76 42.48
C ASP B 320 17.41 23.66 42.09
N LYS B 321 17.45 24.24 40.89
CA LYS B 321 16.48 25.28 40.59
C LYS B 321 15.14 24.70 40.13
N TYR B 322 15.15 23.64 39.34
CA TYR B 322 13.93 23.10 38.73
C TYR B 322 13.77 21.64 39.11
N SER B 323 12.54 21.25 39.48
CA SER B 323 12.27 19.85 39.76
C SER B 323 11.60 19.13 38.61
N THR B 324 10.88 19.85 37.76
CA THR B 324 10.05 19.23 36.73
C THR B 324 10.19 19.98 35.41
N LEU B 325 10.25 19.22 34.33
CA LEU B 325 10.17 19.78 32.98
C LEU B 325 8.80 19.43 32.41
N ASN B 326 8.04 20.46 32.04
CA ASN B 326 6.67 20.27 31.57
C ASN B 326 6.69 20.05 30.07
N ALA B 327 6.49 18.81 29.65
CA ALA B 327 6.70 18.41 28.26
C ALA B 327 5.38 18.00 27.62
N ALA B 328 5.09 18.59 26.45
CA ALA B 328 4.01 18.11 25.60
C ALA B 328 4.58 17.13 24.58
N TYR B 329 3.81 16.07 24.29
CA TYR B 329 4.19 15.08 23.29
C TYR B 329 3.15 15.05 22.18
N SER B 330 3.59 15.29 20.95
CA SER B 330 2.72 15.15 19.79
C SER B 330 1.99 13.82 19.82
N PHE B 331 0.72 13.83 19.44
CA PHE B 331 -0.11 12.64 19.52
C PHE B 331 -0.60 12.32 18.12
N TYR B 332 -1.75 12.88 17.72
CA TYR B 332 -2.26 12.72 16.37
C TYR B 332 -2.61 14.09 15.78
N ASN B 333 -2.08 14.38 14.59
CA ASN B 333 -2.32 15.67 13.94
C ASN B 333 -2.68 15.44 12.48
N VAL B 334 -3.74 16.11 12.04
CA VAL B 334 -4.27 15.92 10.70
C VAL B 334 -4.67 17.29 10.17
N THR B 335 -4.29 17.60 8.94
CA THR B 335 -4.76 18.84 8.34
C THR B 335 -5.25 18.59 6.92
N THR B 336 -6.41 19.18 6.58
CA THR B 336 -6.90 19.23 5.21
C THR B 336 -7.06 20.64 4.67
N THR B 337 -6.99 21.66 5.52
CA THR B 337 -7.15 23.05 5.09
C THR B 337 -5.86 23.86 5.25
N ALA B 338 -4.80 23.26 5.73
CA ALA B 338 -3.53 23.94 5.90
C ALA B 338 -2.41 22.99 5.53
N THR B 339 -1.19 23.49 5.54
CA THR B 339 -0.06 22.59 5.39
C THR B 339 0.24 21.93 6.73
N PHE B 340 0.88 20.76 6.64
CA PHE B 340 1.27 20.08 7.87
C PHE B 340 2.26 20.90 8.68
N LYS B 341 3.09 21.70 8.01
CA LYS B 341 3.99 22.60 8.74
C LYS B 341 3.21 23.65 9.52
N GLN B 342 2.21 24.26 8.88
CA GLN B 342 1.38 25.25 9.57
C GLN B 342 0.60 24.61 10.68
N LEU B 343 0.20 23.36 10.49
CA LEU B 343 -0.52 22.63 11.53
C LEU B 343 0.39 22.39 12.73
N MET B 344 1.60 21.86 12.51
CA MET B 344 2.47 21.57 13.64
C MET B 344 2.97 22.85 14.29
N GLN B 345 3.14 23.91 13.51
CA GLN B 345 3.47 25.21 14.09
C GLN B 345 2.39 25.66 15.06
N ASP B 346 1.11 25.51 14.69
CA ASP B 346 0.02 25.79 15.59
C ASP B 346 0.04 24.87 16.81
N ALA B 347 0.43 23.61 16.62
CA ALA B 347 0.47 22.69 17.76
C ALA B 347 1.50 23.18 18.79
N ILE B 348 2.69 23.56 18.31
CA ILE B 348 3.70 24.17 19.17
C ILE B 348 3.14 25.39 19.89
N LEU B 349 2.48 26.29 19.15
CA LEU B 349 1.89 27.47 19.76
C LEU B 349 0.85 27.10 20.82
N LEU B 350 0.01 26.10 20.53
CA LEU B 350 -0.96 25.68 21.53
C LEU B 350 -0.27 25.09 22.76
N ALA B 351 0.80 24.33 22.58
CA ALA B 351 1.54 23.82 23.74
C ALA B 351 2.15 24.96 24.53
N LYS B 352 2.70 25.96 23.84
CA LYS B 352 3.25 27.12 24.53
C LYS B 352 2.15 27.82 25.33
N ARG B 353 0.97 27.96 24.74
CA ARG B 353 -0.12 28.65 25.42
C ARG B 353 -0.53 27.91 26.68
N ASN B 354 -0.35 26.60 26.72
CA ASN B 354 -0.70 25.81 27.91
C ASN B 354 0.49 25.62 28.85
N ASN B 355 1.50 26.49 28.77
CA ASN B 355 2.64 26.56 29.68
CA ASN B 355 2.60 26.55 29.71
C ASN B 355 3.52 25.32 29.62
N PHE B 356 3.63 24.72 28.45
CA PHE B 356 4.60 23.64 28.30
C PHE B 356 5.98 24.21 27.99
N ASP B 357 7.02 23.54 28.49
CA ASP B 357 8.38 24.01 28.28
C ASP B 357 8.99 23.53 26.98
N VAL B 358 8.42 22.50 26.38
CA VAL B 358 9.07 21.81 25.28
C VAL B 358 8.03 20.94 24.60
N PHE B 359 8.14 20.80 23.28
CA PHE B 359 7.26 19.98 22.47
C PHE B 359 8.09 18.85 21.87
N ASN B 360 7.62 17.62 22.04
CA ASN B 360 8.36 16.43 21.63
C ASN B 360 7.57 15.64 20.60
N ALA B 361 8.27 15.12 19.59
CA ALA B 361 7.62 14.33 18.56
C ALA B 361 8.58 13.26 18.04
N LEU B 362 8.00 12.14 17.61
CA LEU B 362 8.77 11.11 16.93
C LEU B 362 8.74 11.35 15.41
N GLU B 363 9.70 10.76 14.71
CA GLU B 363 9.68 10.83 13.26
C GLU B 363 8.68 9.84 12.66
N VAL B 364 7.47 9.79 13.21
CA VAL B 364 6.41 8.97 12.66
C VAL B 364 5.44 9.85 11.86
N MET B 365 4.52 9.20 11.14
CA MET B 365 3.53 9.86 10.28
C MET B 365 4.27 10.91 9.45
N GLN B 366 3.77 12.15 9.34
CA GLN B 366 4.40 13.21 8.55
C GLN B 366 5.36 14.08 9.36
N ASN B 367 5.72 13.70 10.58
CA ASN B 367 6.34 14.65 11.50
C ASN B 367 7.70 15.12 11.01
N LYS B 368 8.52 14.21 10.48
CA LYS B 368 9.88 14.58 10.11
C LYS B 368 9.90 15.67 9.05
N SER B 369 8.89 15.72 8.18
CA SER B 369 8.84 16.75 7.14
C SER B 369 8.84 18.17 7.71
N VAL B 370 8.48 18.37 8.97
CA VAL B 370 8.39 19.72 9.54
C VAL B 370 9.50 20.01 10.55
N PHE B 371 10.37 19.04 10.85
CA PHE B 371 11.29 19.20 11.99
C PHE B 371 12.29 20.32 11.74
N GLU B 372 12.88 20.36 10.55
CA GLU B 372 13.88 21.40 10.29
C GLU B 372 13.25 22.78 10.20
N ASP B 373 12.14 22.91 9.50
CA ASP B 373 11.53 24.23 9.29
C ASP B 373 10.94 24.80 10.57
N LEU B 374 10.62 23.95 11.54
CA LEU B 374 10.02 24.39 12.79
C LEU B 374 11.03 24.38 13.93
N LYS B 375 12.32 24.25 13.61
CA LYS B 375 13.41 24.44 14.56
C LYS B 375 13.43 23.37 15.65
N PHE B 376 13.03 22.15 15.30
CA PHE B 376 13.23 21.03 16.20
C PHE B 376 14.70 20.66 16.28
N GLY B 377 15.11 20.15 17.43
CA GLY B 377 16.41 19.54 17.61
C GLY B 377 16.27 18.04 17.70
N GLU B 378 17.22 17.33 17.12
CA GLU B 378 17.23 15.87 17.18
C GLU B 378 17.67 15.40 18.55
N GLY B 379 17.01 14.35 19.03
CA GLY B 379 17.35 13.75 20.31
C GLY B 379 18.60 12.87 20.23
N ASP B 380 18.88 12.21 21.36
CA ASP B 380 20.03 11.34 21.51
C ASP B 380 19.73 9.88 21.19
N GLY B 381 18.46 9.47 21.23
CA GLY B 381 18.14 8.07 21.02
C GLY B 381 16.93 7.88 20.14
N SER B 382 16.34 6.68 20.17
CA SER B 382 15.17 6.41 19.37
C SER B 382 14.24 5.48 20.13
N LEU B 383 12.97 5.47 19.70
CA LEU B 383 11.95 4.61 20.25
C LEU B 383 11.64 3.51 19.24
N LYS B 384 11.72 2.26 19.68
CA LYS B 384 11.51 1.11 18.82
C LYS B 384 10.06 0.65 18.96
N TYR B 385 9.44 0.30 17.84
CA TYR B 385 8.12 -0.31 17.85
C TYR B 385 8.28 -1.83 17.69
N TYR B 386 7.50 -2.59 18.45
CA TYR B 386 7.58 -4.05 18.42
C TYR B 386 6.19 -4.67 18.34
N LEU B 387 6.12 -5.84 17.69
CA LEU B 387 4.95 -6.69 17.73
C LEU B 387 5.34 -8.05 18.31
N TYR B 388 4.44 -8.63 19.11
CA TYR B 388 4.65 -9.94 19.71
C TYR B 388 3.85 -10.97 18.92
N ASN B 389 4.49 -12.10 18.58
CA ASN B 389 3.87 -13.17 17.81
C ASN B 389 3.35 -12.66 16.46
N TRP B 390 4.21 -11.92 15.76
CA TRP B 390 3.87 -11.45 14.41
C TRP B 390 5.12 -11.39 13.55
N LYS B 391 5.05 -12.00 12.36
CA LYS B 391 6.08 -11.92 11.34
C LYS B 391 5.61 -10.98 10.24
N CYS B 392 6.41 -9.99 9.91
CA CYS B 392 6.09 -9.07 8.81
C CYS B 392 7.34 -8.28 8.44
N ALA B 393 7.26 -7.58 7.31
CA ALA B 393 8.34 -6.69 6.90
C ALA B 393 8.43 -5.51 7.86
N SER B 394 9.67 -5.13 8.18
CA SER B 394 9.89 -3.89 8.91
C SER B 394 9.76 -2.71 7.96
N PHE B 395 9.58 -1.50 8.52
CA PHE B 395 9.34 -0.34 7.68
C PHE B 395 9.89 0.92 8.34
N ALA B 396 10.14 1.92 7.52
CA ALA B 396 10.59 3.21 7.99
C ALA B 396 9.53 3.84 8.89
N PRO B 397 9.93 4.67 9.86
CA PRO B 397 8.97 5.19 10.85
C PRO B 397 7.90 6.12 10.26
N ALA B 398 8.15 6.73 9.11
CA ALA B 398 7.10 7.50 8.46
C ALA B 398 5.89 6.64 8.10
N HIS B 399 6.06 5.32 8.03
CA HIS B 399 4.93 4.42 7.84
C HIS B 399 4.28 3.99 9.15
N VAL B 400 4.85 4.37 10.29
CA VAL B 400 4.20 4.16 11.59
C VAL B 400 3.10 5.18 11.75
N GLY B 401 1.88 4.72 12.07
CA GLY B 401 0.77 5.62 12.32
C GLY B 401 0.12 5.51 13.68
N ILE B 402 0.92 5.24 14.72
CA ILE B 402 0.40 5.07 16.08
C ILE B 402 1.44 5.61 17.05
N VAL B 403 0.95 6.24 18.12
CA VAL B 403 1.80 6.78 19.18
C VAL B 403 1.33 6.18 20.50
N LEU B 404 2.22 5.48 21.18
CA LEU B 404 1.92 4.89 22.48
C LEU B 404 2.31 5.87 23.59
N LEU B 405 1.61 5.80 24.70
CA LEU B 405 1.77 6.81 25.73
C LEU B 405 3.11 6.72 26.43
N PRO C 21 -15.10 -2.09 -31.80
CA PRO C 21 -16.35 -2.09 -31.01
C PRO C 21 -16.43 -0.88 -30.08
N ASP C 22 -17.54 -0.14 -30.14
CA ASP C 22 -17.62 1.13 -29.42
C ASP C 22 -18.07 0.96 -27.96
N TYR C 23 -18.89 -0.05 -27.67
CA TYR C 23 -19.51 -0.21 -26.35
C TYR C 23 -20.16 1.10 -25.90
N LYS C 24 -21.12 1.57 -26.70
CA LYS C 24 -21.79 2.83 -26.39
C LYS C 24 -22.45 2.80 -25.01
N PHE C 25 -23.02 1.65 -24.62
CA PHE C 25 -23.62 1.60 -23.30
C PHE C 25 -22.55 1.41 -22.22
N TRP C 26 -21.75 0.34 -22.31
CA TRP C 26 -20.81 0.05 -21.23
C TRP C 26 -19.83 1.19 -20.96
N TYR C 27 -19.52 2.02 -21.95
CA TYR C 27 -18.61 3.10 -21.65
CA TYR C 27 -18.64 3.18 -21.78
C TYR C 27 -19.25 4.25 -20.88
N THR C 28 -20.58 4.22 -20.68
CA THR C 28 -21.21 5.15 -19.75
C THR C 28 -21.15 4.66 -18.32
N GLN C 29 -20.86 3.37 -18.10
CA GLN C 29 -20.91 2.71 -16.80
C GLN C 29 -19.56 2.77 -16.09
N PRO C 30 -19.54 2.62 -14.78
CA PRO C 30 -18.24 2.53 -14.07
C PRO C 30 -17.61 1.15 -14.19
N VAL C 31 -17.17 0.82 -15.40
CA VAL C 31 -16.35 -0.37 -15.69
C VAL C 31 -15.12 0.08 -16.46
N PRO C 32 -14.09 -0.79 -16.56
CA PRO C 32 -12.89 -0.39 -17.31
C PRO C 32 -13.18 -0.28 -18.79
N LYS C 33 -12.47 0.64 -19.45
CA LYS C 33 -12.42 0.60 -20.90
C LYS C 33 -11.74 -0.68 -21.35
N ILE C 34 -11.98 -1.04 -22.61
CA ILE C 34 -11.48 -2.33 -23.08
C ILE C 34 -9.97 -2.37 -23.12
N ASN C 35 -9.30 -1.21 -23.16
CA ASN C 35 -7.85 -1.14 -23.18
C ASN C 35 -7.23 -0.85 -21.82
N ASP C 36 -8.05 -0.65 -20.78
CA ASP C 36 -7.54 -0.39 -19.45
C ASP C 36 -6.81 -1.62 -18.89
N GLU C 37 -5.59 -1.43 -18.42
CA GLU C 37 -4.87 -2.41 -17.63
C GLU C 37 -4.46 -1.75 -16.32
N PHE C 38 -4.97 -2.25 -15.20
CA PHE C 38 -4.77 -1.64 -13.90
C PHE C 38 -3.70 -2.40 -13.13
N ASN C 39 -2.93 -1.68 -12.32
CA ASN C 39 -1.83 -2.28 -11.62
C ASN C 39 -2.27 -3.03 -10.37
N GLU C 40 -1.40 -3.93 -9.93
CA GLU C 40 -1.62 -4.78 -8.76
C GLU C 40 -2.06 -3.98 -7.55
N SER C 41 -1.50 -2.78 -7.38
CA SER C 41 -1.76 -1.93 -6.24
C SER C 41 -3.11 -1.21 -6.32
N VAL C 42 -3.85 -1.35 -7.40
CA VAL C 42 -5.16 -0.72 -7.52
C VAL C 42 -6.20 -1.73 -7.11
N ASN C 43 -7.11 -1.32 -6.22
CA ASN C 43 -8.17 -2.18 -5.72
C ASN C 43 -9.23 -1.36 -5.01
N GLU C 44 -10.09 -0.70 -5.76
CA GLU C 44 -11.01 0.29 -5.20
C GLU C 44 -12.10 0.59 -6.25
N PRO C 45 -13.20 1.21 -5.85
CA PRO C 45 -14.27 1.51 -6.81
C PRO C 45 -13.83 2.54 -7.85
N PHE C 46 -14.53 2.55 -8.98
CA PHE C 46 -14.45 3.71 -9.86
C PHE C 46 -15.09 4.92 -9.20
N ILE C 47 -16.21 4.72 -8.53
CA ILE C 47 -16.99 5.79 -7.92
C ILE C 47 -17.22 5.44 -6.45
N SER C 48 -16.68 6.26 -5.57
CA SER C 48 -16.82 6.13 -4.13
C SER C 48 -17.79 7.20 -3.62
N ASP C 49 -18.07 7.16 -2.32
CA ASP C 49 -18.97 8.12 -1.65
C ASP C 49 -20.34 8.20 -2.31
N ASN C 50 -20.87 7.05 -2.70
CA ASN C 50 -22.22 7.01 -3.22
C ASN C 50 -23.25 7.21 -2.10
N LYS C 51 -24.42 7.73 -2.46
CA LYS C 51 -25.45 8.07 -1.48
C LYS C 51 -26.76 7.41 -1.90
N VAL C 52 -27.33 6.57 -1.02
CA VAL C 52 -28.66 6.02 -1.26
C VAL C 52 -29.67 7.14 -1.51
N GLU C 53 -29.56 8.25 -0.77
CA GLU C 53 -30.53 9.33 -0.87
C GLU C 53 -30.60 9.91 -2.28
N ASP C 54 -29.49 9.87 -3.02
CA ASP C 54 -29.46 10.43 -4.37
C ASP C 54 -29.88 9.44 -5.45
N VAL C 55 -30.01 8.16 -5.13
CA VAL C 55 -30.34 7.16 -6.14
C VAL C 55 -31.71 7.45 -6.72
N ARG C 56 -31.85 7.27 -8.03
CA ARG C 56 -33.15 7.40 -8.69
C ARG C 56 -34.18 6.53 -7.99
N LYS C 57 -35.33 7.13 -7.67
CA LYS C 57 -36.42 6.40 -7.04
C LYS C 57 -37.46 5.92 -8.05
N ASP C 58 -37.43 6.45 -9.28
CA ASP C 58 -38.34 6.06 -10.34
C ASP C 58 -37.78 4.88 -11.13
N GLU C 59 -38.64 3.92 -11.47
CA GLU C 59 -38.26 2.84 -12.38
C GLU C 59 -37.92 3.40 -13.74
N TYR C 60 -36.97 2.74 -14.42
CA TYR C 60 -36.59 3.19 -15.74
C TYR C 60 -37.75 2.99 -16.72
N LYS C 61 -37.77 3.86 -17.73
CA LYS C 61 -38.83 3.81 -18.73
C LYS C 61 -38.64 2.61 -19.65
N LEU C 62 -39.74 1.95 -19.96
CA LEU C 62 -39.81 0.89 -20.96
C LEU C 62 -40.63 1.37 -22.15
N PRO C 63 -40.51 0.71 -23.31
CA PRO C 63 -41.31 1.11 -24.48
C PRO C 63 -42.79 0.89 -24.23
N PRO C 64 -43.67 1.47 -25.07
CA PRO C 64 -45.11 1.27 -24.89
C PRO C 64 -45.48 -0.19 -25.08
N GLY C 65 -46.40 -0.66 -24.23
CA GLY C 65 -46.81 -2.05 -24.21
C GLY C 65 -46.01 -2.95 -23.31
N TYR C 66 -45.01 -2.42 -22.59
CA TYR C 66 -44.09 -3.21 -21.78
C TYR C 66 -44.03 -2.68 -20.37
N SER C 67 -44.05 -3.59 -19.40
CA SER C 67 -44.22 -3.24 -18.00
C SER C 67 -43.23 -4.02 -17.15
N TRP C 68 -42.65 -3.35 -16.17
CA TRP C 68 -41.88 -4.02 -15.13
C TRP C 68 -42.77 -4.97 -14.36
N TYR C 69 -42.24 -6.14 -14.00
CA TYR C 69 -42.99 -7.11 -13.21
C TYR C 69 -42.12 -7.65 -12.07
N VAL C 70 -42.68 -7.70 -10.86
CA VAL C 70 -41.96 -8.23 -9.72
C VAL C 70 -42.19 -9.74 -9.68
N CYS C 71 -41.12 -10.49 -9.92
CA CYS C 71 -41.23 -11.94 -9.92
C CYS C 71 -41.13 -12.46 -8.49
N ASP C 72 -42.10 -13.25 -8.09
CA ASP C 72 -42.12 -13.94 -6.81
C ASP C 72 -41.71 -15.38 -7.12
N VAL C 73 -40.41 -15.65 -7.00
CA VAL C 73 -39.89 -16.97 -7.38
C VAL C 73 -40.45 -18.08 -6.50
N LYS C 74 -40.98 -17.74 -5.33
CA LYS C 74 -41.65 -18.74 -4.50
C LYS C 74 -43.08 -19.01 -4.98
N ASP C 75 -43.65 -18.14 -5.80
CA ASP C 75 -44.92 -18.45 -6.46
C ASP C 75 -44.68 -19.41 -7.63
N GLU C 76 -45.48 -20.47 -7.72
CA GLU C 76 -45.28 -21.48 -8.75
CA GLU C 76 -45.28 -21.48 -8.75
C GLU C 76 -45.50 -20.90 -10.13
N LYS C 77 -46.59 -20.14 -10.32
CA LYS C 77 -46.89 -19.56 -11.63
C LYS C 77 -45.77 -18.60 -12.07
N ASP C 78 -45.34 -17.74 -11.16
CA ASP C 78 -44.27 -16.81 -11.49
C ASP C 78 -42.97 -17.55 -11.79
N ARG C 79 -42.69 -18.60 -11.04
CA ARG C 79 -41.47 -19.37 -11.26
C ARG C 79 -41.50 -20.06 -12.62
N SER C 80 -42.65 -20.63 -13.00
CA SER C 80 -42.73 -21.29 -14.30
C SER C 80 -42.66 -20.31 -15.46
N GLU C 81 -43.01 -19.04 -15.24
CA GLU C 81 -42.87 -18.03 -16.29
C GLU C 81 -41.42 -17.67 -16.52
N ILE C 82 -40.65 -17.51 -15.44
CA ILE C 82 -39.20 -17.42 -15.55
C ILE C 82 -38.64 -18.67 -16.23
N TYR C 83 -39.05 -19.84 -15.76
CA TYR C 83 -38.59 -21.09 -16.37
C TYR C 83 -38.80 -21.06 -17.89
N THR C 84 -40.01 -20.75 -18.32
CA THR C 84 -40.34 -20.84 -19.73
C THR C 84 -39.55 -19.82 -20.54
N LEU C 85 -39.39 -18.60 -20.01
CA LEU C 85 -38.56 -17.60 -20.66
C LEU C 85 -37.15 -18.12 -20.90
N LEU C 86 -36.50 -18.62 -19.85
CA LEU C 86 -35.11 -19.06 -19.97
C LEU C 86 -35.01 -20.32 -20.84
N THR C 87 -35.87 -21.30 -20.61
CA THR C 87 -35.87 -22.49 -21.46
C THR C 87 -35.90 -22.14 -22.95
N ASP C 88 -36.70 -21.14 -23.34
CA ASP C 88 -36.81 -20.80 -24.75
C ASP C 88 -35.76 -19.81 -25.22
N ASN C 89 -35.22 -18.97 -24.34
CA ASN C 89 -34.50 -17.77 -24.76
C ASN C 89 -33.15 -17.54 -24.08
N TYR C 90 -32.68 -18.46 -23.24
CA TYR C 90 -31.44 -18.21 -22.51
C TYR C 90 -30.23 -18.65 -23.33
N VAL C 91 -29.10 -18.91 -22.65
CA VAL C 91 -27.80 -19.01 -23.29
C VAL C 91 -27.74 -20.27 -24.16
N GLU C 92 -27.14 -20.12 -25.34
CA GLU C 92 -26.82 -21.22 -26.22
C GLU C 92 -25.30 -21.32 -26.34
N ASP C 93 -24.80 -22.51 -26.63
CA ASP C 93 -23.38 -22.65 -26.83
C ASP C 93 -22.98 -21.96 -28.14
N ASP C 94 -21.68 -21.73 -28.29
CA ASP C 94 -21.16 -21.08 -29.50
C ASP C 94 -21.60 -21.78 -30.78
N ASP C 95 -21.94 -23.06 -30.73
CA ASP C 95 -22.34 -23.79 -31.93
C ASP C 95 -23.84 -24.01 -32.03
N ASN C 96 -24.62 -23.45 -31.11
CA ASN C 96 -26.09 -23.59 -31.10
C ASN C 96 -26.53 -25.07 -31.12
N ILE C 97 -25.72 -25.95 -30.53
CA ILE C 97 -26.13 -27.33 -30.26
C ILE C 97 -27.04 -27.40 -29.03
N PHE C 98 -26.86 -26.49 -28.07
CA PHE C 98 -27.50 -26.59 -26.78
C PHE C 98 -28.09 -25.24 -26.39
N ARG C 99 -29.07 -25.29 -25.50
CA ARG C 99 -29.49 -24.12 -24.76
C ARG C 99 -29.68 -24.55 -23.31
N PHE C 100 -29.24 -23.69 -22.39
CA PHE C 100 -29.42 -24.00 -20.98
C PHE C 100 -30.89 -24.21 -20.65
N ASN C 101 -31.14 -25.17 -19.78
CA ASN C 101 -32.49 -25.52 -19.37
C ASN C 101 -32.53 -25.69 -17.85
N TYR C 102 -32.16 -24.62 -17.15
CA TYR C 102 -32.27 -24.54 -15.70
C TYR C 102 -33.66 -24.99 -15.25
N SER C 103 -33.74 -25.87 -14.27
CA SER C 103 -35.06 -26.33 -13.90
C SER C 103 -35.76 -25.29 -13.02
N ALA C 104 -37.08 -25.45 -12.90
CA ALA C 104 -37.84 -24.57 -12.01
C ALA C 104 -37.32 -24.65 -10.58
N GLU C 105 -37.05 -25.87 -10.08
CA GLU C 105 -36.53 -26.02 -8.72
C GLU C 105 -35.14 -25.40 -8.60
N PHE C 106 -34.32 -25.52 -9.65
CA PHE C 106 -33.00 -24.90 -9.62
C PHE C 106 -33.13 -23.40 -9.45
N LEU C 107 -34.07 -22.79 -10.17
CA LEU C 107 -34.25 -21.35 -10.11
C LEU C 107 -34.69 -20.92 -8.72
N LEU C 108 -35.57 -21.70 -8.10
CA LEU C 108 -35.95 -21.46 -6.71
C LEU C 108 -34.72 -21.44 -5.82
N TRP C 109 -33.87 -22.47 -5.94
CA TRP C 109 -32.63 -22.55 -5.17
C TRP C 109 -31.73 -21.37 -5.47
N ALA C 110 -31.52 -21.09 -6.76
CA ALA C 110 -30.55 -20.07 -7.18
C ALA C 110 -30.95 -18.69 -6.70
N LEU C 111 -32.24 -18.41 -6.54
CA LEU C 111 -32.68 -17.05 -6.30
C LEU C 111 -33.07 -16.77 -4.85
N THR C 112 -33.22 -17.79 -4.02
CA THR C 112 -33.65 -17.60 -2.63
C THR C 112 -32.54 -17.89 -1.63
N SER C 113 -31.30 -17.50 -1.95
CA SER C 113 -30.19 -17.58 -1.01
C SER C 113 -30.44 -16.67 0.19
N PRO C 114 -29.67 -16.80 1.28
CA PRO C 114 -29.97 -16.02 2.49
C PRO C 114 -29.96 -14.51 2.23
N ASN C 115 -30.91 -13.83 2.85
CA ASN C 115 -31.08 -12.38 2.79
C ASN C 115 -31.33 -11.90 1.36
N TYR C 116 -31.91 -12.77 0.52
CA TYR C 116 -32.22 -12.33 -0.83
C TYR C 116 -33.34 -11.29 -0.80
N LEU C 117 -33.41 -10.51 -1.87
CA LEU C 117 -34.44 -9.48 -2.01
C LEU C 117 -35.35 -9.84 -3.18
N LYS C 118 -36.66 -9.89 -2.92
CA LYS C 118 -37.60 -10.11 -4.00
C LYS C 118 -37.50 -9.02 -5.05
N THR C 119 -37.16 -7.79 -4.65
CA THR C 119 -37.10 -6.68 -5.58
C THR C 119 -35.94 -6.78 -6.56
N TRP C 120 -34.97 -7.67 -6.31
CA TRP C 120 -33.89 -7.95 -7.25
C TRP C 120 -34.23 -9.07 -8.23
N HIS C 121 -35.47 -9.53 -8.26
CA HIS C 121 -35.94 -10.55 -9.21
C HIS C 121 -36.90 -9.86 -10.16
N ILE C 122 -36.37 -9.35 -11.27
CA ILE C 122 -37.05 -8.37 -12.10
C ILE C 122 -37.41 -8.99 -13.44
N GLY C 123 -38.69 -8.95 -13.77
CA GLY C 123 -39.10 -9.29 -15.11
C GLY C 123 -39.60 -8.09 -15.89
N VAL C 124 -39.69 -8.25 -17.20
CA VAL C 124 -40.43 -7.34 -18.06
C VAL C 124 -41.53 -8.14 -18.76
N LYS C 125 -42.74 -7.62 -18.71
CA LYS C 125 -43.88 -8.27 -19.34
C LYS C 125 -44.31 -7.48 -20.57
N TYR C 126 -44.74 -8.22 -21.58
CA TYR C 126 -45.44 -7.67 -22.73
C TYR C 126 -46.91 -7.61 -22.35
N ASP C 127 -47.48 -6.40 -22.29
CA ASP C 127 -48.84 -6.27 -21.77
C ASP C 127 -49.88 -6.93 -22.67
N ALA C 128 -49.57 -7.14 -23.95
CA ALA C 128 -50.56 -7.72 -24.86
C ALA C 128 -50.82 -9.19 -24.54
N SER C 129 -49.81 -9.88 -24.04
CA SER C 129 -49.87 -11.30 -23.71
C SER C 129 -49.75 -11.56 -22.22
N ASN C 130 -49.34 -10.57 -21.44
CA ASN C 130 -49.09 -10.74 -20.01
C ASN C 130 -48.06 -11.84 -19.73
N LYS C 131 -47.13 -12.05 -20.67
CA LYS C 131 -46.07 -13.03 -20.49
C LYS C 131 -44.71 -12.34 -20.37
N LEU C 132 -43.79 -13.00 -19.66
CA LEU C 132 -42.44 -12.46 -19.51
C LEU C 132 -41.73 -12.42 -20.85
N ILE C 133 -41.12 -11.28 -21.16
CA ILE C 133 -40.26 -11.19 -22.33
C ILE C 133 -38.83 -10.82 -21.95
N GLY C 134 -38.57 -10.52 -20.67
CA GLY C 134 -37.24 -10.23 -20.20
C GLY C 134 -37.12 -10.50 -18.73
N PHE C 135 -35.88 -10.69 -18.28
CA PHE C 135 -35.61 -11.01 -16.89
C PHE C 135 -34.18 -10.63 -16.56
N ILE C 136 -33.97 -10.24 -15.31
CA ILE C 136 -32.64 -10.10 -14.73
C ILE C 136 -32.77 -10.32 -13.24
N SER C 137 -31.71 -10.84 -12.60
CA SER C 137 -31.78 -11.06 -11.17
C SER C 137 -30.42 -10.82 -10.53
N ALA C 138 -30.44 -10.64 -9.22
CA ALA C 138 -29.22 -10.53 -8.43
C ALA C 138 -29.49 -11.09 -7.05
N ILE C 139 -28.45 -11.62 -6.42
CA ILE C 139 -28.54 -12.03 -5.02
C ILE C 139 -27.39 -11.38 -4.28
N PRO C 140 -27.55 -11.06 -3.00
CA PRO C 140 -26.47 -10.38 -2.28
C PRO C 140 -25.48 -11.37 -1.68
N THR C 141 -24.20 -10.98 -1.73
CA THR C 141 -23.17 -11.80 -1.12
C THR C 141 -21.93 -10.94 -0.89
N ASP C 142 -21.15 -11.35 0.10
CA ASP C 142 -19.87 -10.72 0.39
C ASP C 142 -18.81 -11.34 -0.51
N ILE C 143 -18.11 -10.49 -1.26
CA ILE C 143 -17.12 -10.93 -2.24
C ILE C 143 -15.77 -10.38 -1.82
N CYS C 144 -14.78 -11.26 -1.71
CA CYS C 144 -13.43 -10.84 -1.40
C CYS C 144 -12.66 -10.76 -2.72
N ILE C 145 -12.22 -9.54 -3.07
CA ILE C 145 -11.43 -9.32 -4.27
C ILE C 145 -10.11 -8.72 -3.82
N HIS C 146 -9.01 -9.38 -4.18
CA HIS C 146 -7.66 -8.95 -3.81
C HIS C 146 -7.58 -8.61 -2.31
N LYS C 147 -8.20 -9.46 -1.50
CA LYS C 147 -8.15 -9.47 -0.02
C LYS C 147 -9.06 -8.41 0.60
N ARG C 148 -9.89 -7.72 -0.17
CA ARG C 148 -10.81 -6.72 0.34
C ARG C 148 -12.23 -7.25 0.16
N THR C 149 -12.97 -7.32 1.25
CA THR C 149 -14.29 -7.94 1.25
C THR C 149 -15.34 -6.85 1.07
N ILE C 150 -16.17 -7.00 0.04
CA ILE C 150 -17.15 -6.00 -0.36
C ILE C 150 -18.50 -6.69 -0.47
N LYS C 151 -19.52 -6.07 0.11
CA LYS C 151 -20.88 -6.52 -0.15
C LYS C 151 -21.24 -6.21 -1.59
N MET C 152 -21.68 -7.22 -2.33
CA MET C 152 -21.97 -7.07 -3.74
C MET C 152 -23.28 -7.76 -4.08
N ALA C 153 -23.86 -7.37 -5.21
CA ALA C 153 -24.90 -8.14 -5.86
C ALA C 153 -24.27 -9.08 -6.87
N GLU C 154 -24.75 -10.30 -6.89
CA GLU C 154 -24.31 -11.30 -7.85
C GLU C 154 -25.40 -11.41 -8.92
N VAL C 155 -25.10 -10.91 -10.13
CA VAL C 155 -26.11 -10.78 -11.17
C VAL C 155 -26.10 -12.02 -12.06
N ASN C 156 -27.29 -12.47 -12.47
CA ASN C 156 -27.39 -13.71 -13.23
C ASN C 156 -28.73 -13.73 -13.93
N PHE C 157 -28.84 -14.60 -14.93
CA PHE C 157 -30.10 -14.89 -15.61
C PHE C 157 -30.67 -13.68 -16.37
N LEU C 158 -29.80 -12.77 -16.83
CA LEU C 158 -30.24 -11.74 -17.77
C LEU C 158 -30.69 -12.40 -19.05
N CYS C 159 -31.91 -12.07 -19.51
CA CYS C 159 -32.46 -12.71 -20.69
C CYS C 159 -33.50 -11.82 -21.35
N VAL C 160 -33.41 -11.67 -22.67
CA VAL C 160 -34.43 -10.98 -23.46
C VAL C 160 -34.92 -11.95 -24.53
N HIS C 161 -36.25 -12.04 -24.67
CA HIS C 161 -36.86 -12.92 -25.65
C HIS C 161 -36.17 -12.80 -27.01
N LYS C 162 -36.11 -13.93 -27.73
CA LYS C 162 -35.38 -13.98 -29.00
C LYS C 162 -35.94 -12.97 -30.01
N THR C 163 -37.26 -12.77 -30.01
CA THR C 163 -37.84 -11.85 -30.98
C THR C 163 -37.52 -10.38 -30.66
N LEU C 164 -36.97 -10.08 -29.49
CA LEU C 164 -36.74 -8.70 -29.10
C LEU C 164 -35.26 -8.36 -29.02
N ARG C 165 -34.41 -9.19 -29.62
CA ARG C 165 -32.97 -9.01 -29.51
C ARG C 165 -32.52 -7.77 -30.29
N SER C 166 -31.37 -7.22 -29.87
CA SER C 166 -30.73 -6.09 -30.54
C SER C 166 -31.66 -4.88 -30.62
N LYS C 167 -32.42 -4.65 -29.55
CA LYS C 167 -33.29 -3.48 -29.46
C LYS C 167 -32.95 -2.60 -28.26
N ARG C 168 -31.74 -2.77 -27.71
CA ARG C 168 -31.25 -2.04 -26.55
C ARG C 168 -32.11 -2.25 -25.31
N LEU C 169 -32.73 -3.42 -25.16
CA LEU C 169 -33.51 -3.70 -23.96
C LEU C 169 -32.65 -4.12 -22.79
N ALA C 170 -31.53 -4.80 -23.06
CA ALA C 170 -30.72 -5.28 -21.95
C ALA C 170 -30.15 -4.13 -21.12
N PRO C 171 -29.64 -3.03 -21.71
CA PRO C 171 -29.22 -1.90 -20.86
C PRO C 171 -30.30 -1.37 -19.96
N VAL C 172 -31.56 -1.43 -20.37
CA VAL C 172 -32.64 -1.00 -19.48
C VAL C 172 -32.75 -1.96 -18.29
N LEU C 173 -32.70 -3.27 -18.55
CA LEU C 173 -32.71 -4.24 -17.45
C LEU C 173 -31.49 -4.05 -16.54
N ILE C 174 -30.32 -3.85 -17.13
CA ILE C 174 -29.10 -3.67 -16.33
C ILE C 174 -29.22 -2.41 -15.47
N LYS C 175 -29.67 -1.31 -16.06
CA LYS C 175 -29.72 -0.04 -15.33
C LYS C 175 -30.77 -0.08 -14.23
N GLU C 176 -31.93 -0.70 -14.50
CA GLU C 176 -32.95 -0.86 -13.46
C GLU C 176 -32.47 -1.73 -12.31
N ILE C 177 -31.73 -2.80 -12.58
CA ILE C 177 -31.33 -3.63 -11.44
C ILE C 177 -30.22 -2.93 -10.65
N THR C 178 -29.31 -2.23 -11.35
CA THR C 178 -28.32 -1.38 -10.68
C THR C 178 -29.00 -0.41 -9.71
N ARG C 179 -30.04 0.25 -10.18
CA ARG C 179 -30.78 1.20 -9.33
C ARG C 179 -31.30 0.52 -8.07
N ARG C 180 -31.98 -0.63 -8.22
CA ARG C 180 -32.54 -1.32 -7.05
C ARG C 180 -31.46 -1.90 -6.14
N ILE C 181 -30.31 -2.25 -6.69
CA ILE C 181 -29.20 -2.68 -5.84
C ILE C 181 -28.64 -1.48 -5.08
N ASN C 182 -28.56 -0.33 -5.75
CA ASN C 182 -28.05 0.87 -5.09
C ASN C 182 -28.95 1.30 -3.95
N LEU C 183 -30.26 1.02 -4.05
CA LEU C 183 -31.18 1.33 -2.97
C LEU C 183 -30.84 0.56 -1.71
N GLU C 184 -30.09 -0.53 -1.83
CA GLU C 184 -29.61 -1.28 -0.68
C GLU C 184 -28.26 -0.83 -0.19
N ASN C 185 -27.76 0.30 -0.67
CA ASN C 185 -26.43 0.80 -0.31
C ASN C 185 -25.35 -0.18 -0.76
N ILE C 186 -25.57 -0.85 -1.89
CA ILE C 186 -24.63 -1.79 -2.48
C ILE C 186 -24.23 -1.22 -3.84
N TRP C 187 -22.92 -1.13 -4.09
CA TRP C 187 -22.39 -0.31 -5.16
C TRP C 187 -21.49 -1.06 -6.12
N GLN C 188 -21.23 -2.34 -5.85
CA GLN C 188 -20.43 -3.25 -6.67
C GLN C 188 -21.28 -4.46 -7.03
N ALA C 189 -20.92 -5.12 -8.13
CA ALA C 189 -21.56 -6.37 -8.51
C ALA C 189 -20.53 -7.28 -9.17
N ILE C 190 -20.78 -8.59 -9.09
CA ILE C 190 -19.98 -9.58 -9.80
C ILE C 190 -20.90 -10.28 -10.80
N TYR C 191 -20.38 -10.54 -11.99
CA TYR C 191 -21.16 -11.21 -13.02
C TYR C 191 -20.22 -11.99 -13.93
N THR C 192 -20.78 -12.98 -14.62
CA THR C 192 -20.05 -13.74 -15.61
C THR C 192 -20.81 -13.75 -16.92
N ALA C 193 -20.08 -13.96 -18.01
CA ALA C 193 -20.71 -14.12 -19.30
C ALA C 193 -19.73 -14.76 -20.26
N GLY C 194 -20.28 -15.44 -21.27
CA GLY C 194 -19.47 -15.99 -22.35
C GLY C 194 -18.96 -14.95 -23.32
N VAL C 195 -19.65 -13.82 -23.42
CA VAL C 195 -19.24 -12.75 -24.34
C VAL C 195 -18.16 -11.88 -23.70
N TYR C 196 -17.36 -11.28 -24.56
CA TYR C 196 -16.33 -10.33 -24.15
C TYR C 196 -16.97 -8.95 -24.04
N LEU C 197 -16.91 -8.39 -22.84
CA LEU C 197 -17.40 -7.07 -22.49
C LEU C 197 -16.31 -6.34 -21.74
N PRO C 198 -16.41 -5.00 -21.62
CA PRO C 198 -15.40 -4.27 -20.83
C PRO C 198 -15.64 -4.46 -19.34
N LYS C 199 -14.68 -5.06 -18.63
CA LYS C 199 -13.52 -5.81 -19.12
C LYS C 199 -13.29 -6.87 -18.04
N PRO C 200 -13.00 -8.12 -18.42
CA PRO C 200 -12.97 -9.19 -17.43
C PRO C 200 -11.87 -9.00 -16.40
N VAL C 201 -12.18 -9.31 -15.13
CA VAL C 201 -11.11 -9.49 -14.15
C VAL C 201 -10.42 -10.83 -14.36
N SER C 202 -11.10 -11.79 -14.97
CA SER C 202 -10.49 -13.07 -15.30
C SER C 202 -11.29 -13.72 -16.41
N ASP C 203 -10.60 -14.60 -17.14
CA ASP C 203 -11.21 -15.40 -18.17
C ASP C 203 -10.88 -16.86 -17.89
N ALA C 204 -11.89 -17.72 -17.95
CA ALA C 204 -11.74 -19.12 -17.58
C ALA C 204 -12.29 -20.01 -18.68
N ARG C 205 -11.40 -20.73 -19.37
CA ARG C 205 -11.83 -21.73 -20.32
C ARG C 205 -12.63 -22.81 -19.60
N TYR C 206 -13.54 -23.44 -20.32
CA TYR C 206 -14.34 -24.51 -19.74
C TYR C 206 -14.04 -25.83 -20.45
N TYR C 207 -14.26 -26.91 -19.70
CA TYR C 207 -13.79 -28.24 -20.05
C TYR C 207 -14.88 -29.24 -19.69
N HIS C 208 -14.84 -30.41 -20.33
CA HIS C 208 -15.86 -31.43 -20.14
C HIS C 208 -15.22 -32.80 -20.07
N ARG C 209 -15.68 -33.60 -19.11
CA ARG C 209 -15.40 -35.03 -19.08
C ARG C 209 -16.64 -35.77 -19.56
N SER C 210 -16.51 -36.46 -20.68
CA SER C 210 -17.62 -37.18 -21.26
C SER C 210 -17.93 -38.42 -20.41
N ILE C 211 -19.18 -38.59 -20.01
CA ILE C 211 -19.61 -39.77 -19.25
C ILE C 211 -20.45 -40.71 -20.13
N ASN C 212 -21.62 -40.24 -20.56
CA ASN C 212 -22.45 -40.99 -21.51
C ASN C 212 -21.87 -40.74 -22.89
N VAL C 213 -20.80 -41.47 -23.21
CA VAL C 213 -20.05 -41.19 -24.43
C VAL C 213 -20.91 -41.42 -25.66
N LYS C 214 -21.65 -42.53 -25.68
CA LYS C 214 -22.45 -42.85 -26.85
C LYS C 214 -23.44 -41.73 -27.17
N LYS C 215 -24.07 -41.14 -26.14
CA LYS C 215 -25.02 -40.06 -26.36
C LYS C 215 -24.34 -38.81 -26.92
N LEU C 216 -23.18 -38.46 -26.37
CA LEU C 216 -22.46 -37.28 -26.84
C LEU C 216 -22.03 -37.43 -28.29
N ILE C 217 -21.65 -38.65 -28.70
CA ILE C 217 -21.33 -38.90 -30.10
C ILE C 217 -22.56 -38.72 -30.98
N GLU C 218 -23.70 -39.28 -30.56
CA GLU C 218 -24.89 -39.24 -31.42
C GLU C 218 -25.37 -37.81 -31.65
N ILE C 219 -25.28 -36.94 -30.63
CA ILE C 219 -25.83 -35.60 -30.75
C ILE C 219 -24.81 -34.69 -31.42
N GLY C 220 -23.70 -35.27 -31.89
CA GLY C 220 -22.70 -34.52 -32.59
C GLY C 220 -21.70 -33.79 -31.73
N PHE C 221 -21.78 -33.92 -30.41
CA PHE C 221 -20.85 -33.21 -29.52
C PHE C 221 -19.50 -33.92 -29.46
N ILE C 234 -13.03 -43.62 -26.77
CA ILE C 234 -12.44 -44.96 -26.71
C ILE C 234 -12.36 -45.42 -25.26
N LYS C 235 -11.34 -44.96 -24.54
CA LYS C 235 -11.19 -45.26 -23.12
C LYS C 235 -12.00 -44.32 -22.23
N LEU C 236 -12.74 -43.38 -22.83
CA LEU C 236 -13.66 -42.56 -22.04
C LEU C 236 -14.73 -43.41 -21.36
N TYR C 237 -15.07 -44.54 -21.97
CA TYR C 237 -16.23 -45.31 -21.52
C TYR C 237 -15.98 -45.93 -20.15
N ARG C 238 -14.77 -46.43 -19.90
CA ARG C 238 -14.47 -47.24 -18.72
C ARG C 238 -14.06 -46.34 -17.56
N VAL C 239 -14.90 -46.28 -16.52
CA VAL C 239 -14.58 -45.62 -15.27
C VAL C 239 -14.90 -46.61 -14.15
N GLU C 240 -13.95 -46.79 -13.23
CA GLU C 240 -14.13 -47.78 -12.17
C GLU C 240 -15.12 -47.25 -11.15
N ASP C 241 -16.15 -48.05 -10.87
CA ASP C 241 -17.21 -47.66 -9.93
C ASP C 241 -16.76 -47.87 -8.49
N THR C 242 -15.57 -47.39 -8.14
CA THR C 242 -15.06 -47.47 -6.77
C THR C 242 -14.40 -46.15 -6.43
N LEU C 243 -14.83 -45.52 -5.34
CA LEU C 243 -14.29 -44.24 -4.91
C LEU C 243 -12.86 -44.38 -4.40
N ASN C 244 -12.05 -43.34 -4.67
CA ASN C 244 -10.74 -43.23 -4.05
C ASN C 244 -10.85 -42.90 -2.57
N ILE C 245 -11.82 -42.07 -2.22
CA ILE C 245 -12.11 -41.72 -0.83
C ILE C 245 -13.36 -42.48 -0.46
N LYS C 246 -13.19 -43.65 0.16
CA LYS C 246 -14.28 -44.63 0.25
C LYS C 246 -15.49 -44.08 1.00
N ASN C 247 -15.29 -43.17 1.94
CA ASN C 247 -16.38 -42.72 2.80
C ASN C 247 -17.09 -41.46 2.30
N MET C 248 -16.75 -40.98 1.10
CA MET C 248 -17.49 -39.84 0.53
C MET C 248 -18.98 -40.15 0.53
N ARG C 249 -19.76 -39.27 1.16
CA ARG C 249 -21.20 -39.48 1.33
C ARG C 249 -21.93 -38.15 1.21
N LEU C 250 -23.23 -38.20 0.95
CA LEU C 250 -24.04 -37.00 0.87
C LEU C 250 -23.94 -36.19 2.15
N MET C 251 -23.78 -34.87 1.99
CA MET C 251 -23.70 -34.00 3.14
C MET C 251 -25.03 -34.00 3.89
N LYS C 252 -24.95 -33.90 5.21
CA LYS C 252 -26.14 -33.80 6.04
C LYS C 252 -26.09 -32.49 6.82
N LYS C 253 -27.20 -32.17 7.49
CA LYS C 253 -27.30 -30.91 8.22
C LYS C 253 -26.18 -30.76 9.24
N LYS C 254 -25.85 -31.85 9.96
CA LYS C 254 -24.80 -31.79 10.97
C LYS C 254 -23.44 -31.40 10.39
N ASP C 255 -23.28 -31.50 9.08
CA ASP C 255 -22.01 -31.21 8.42
C ASP C 255 -21.79 -29.73 8.15
N VAL C 256 -22.75 -28.85 8.44
CA VAL C 256 -22.69 -27.48 7.92
C VAL C 256 -21.46 -26.75 8.46
N GLU C 257 -21.28 -26.78 9.78
CA GLU C 257 -20.13 -26.10 10.36
C GLU C 257 -18.83 -26.70 9.86
N GLY C 258 -18.78 -28.03 9.73
CA GLY C 258 -17.60 -28.65 9.18
C GLY C 258 -17.29 -28.21 7.77
N VAL C 259 -18.29 -28.22 6.89
CA VAL C 259 -18.08 -27.75 5.53
C VAL C 259 -17.73 -26.27 5.53
N HIS C 260 -18.40 -25.47 6.37
CA HIS C 260 -18.10 -24.06 6.50
C HIS C 260 -16.61 -23.83 6.80
N LYS C 261 -16.08 -24.58 7.76
CA LYS C 261 -14.67 -24.39 8.14
C LYS C 261 -13.74 -24.85 7.03
N LEU C 262 -14.01 -26.01 6.42
CA LEU C 262 -13.13 -26.53 5.39
C LEU C 262 -13.11 -25.61 4.16
N LEU C 263 -14.28 -25.25 3.65
CA LEU C 263 -14.31 -24.41 2.44
C LEU C 263 -13.87 -22.98 2.74
N GLY C 264 -14.34 -22.41 3.85
CA GLY C 264 -13.99 -21.03 4.15
C GLY C 264 -12.49 -20.81 4.27
N SER C 265 -11.79 -21.74 4.94
CA SER C 265 -10.33 -21.66 4.98
C SER C 265 -9.75 -21.84 3.59
N TYR C 266 -10.24 -22.83 2.85
CA TYR C 266 -9.71 -23.12 1.52
C TYR C 266 -9.81 -21.90 0.60
N LEU C 267 -10.95 -21.20 0.62
CA LEU C 267 -11.17 -20.14 -0.36
C LEU C 267 -10.29 -18.92 -0.10
N GLU C 268 -9.71 -18.80 1.10
CA GLU C 268 -8.99 -17.57 1.45
C GLU C 268 -7.75 -17.36 0.59
N GLN C 269 -7.27 -18.41 -0.07
CA GLN C 269 -6.08 -18.34 -0.90
C GLN C 269 -6.32 -17.68 -2.24
N PHE C 270 -7.57 -17.44 -2.65
CA PHE C 270 -7.83 -16.97 -3.99
C PHE C 270 -8.00 -15.46 -4.03
N ASN C 271 -7.87 -14.91 -5.24
CA ASN C 271 -7.98 -13.47 -5.41
C ASN C 271 -9.41 -13.01 -5.49
N LEU C 272 -10.36 -13.92 -5.66
CA LEU C 272 -11.77 -13.57 -5.82
C LEU C 272 -12.62 -14.72 -5.31
N TYR C 273 -13.41 -14.48 -4.27
CA TYR C 273 -14.22 -15.56 -3.73
C TYR C 273 -15.32 -14.98 -2.87
N ALA C 274 -16.37 -15.77 -2.68
CA ALA C 274 -17.43 -15.38 -1.75
C ALA C 274 -17.06 -15.78 -0.34
N VAL C 275 -17.30 -14.85 0.60
CA VAL C 275 -17.12 -15.13 2.02
C VAL C 275 -18.46 -15.66 2.52
N PHE C 276 -18.59 -16.99 2.53
CA PHE C 276 -19.83 -17.65 2.92
C PHE C 276 -20.04 -17.62 4.44
N THR C 277 -21.24 -17.24 4.86
CA THR C 277 -21.67 -17.48 6.22
C THR C 277 -22.14 -18.93 6.36
N LYS C 278 -22.40 -19.34 7.61
CA LYS C 278 -22.86 -20.71 7.84
C LYS C 278 -24.24 -20.93 7.21
N GLU C 279 -25.10 -19.90 7.26
CA GLU C 279 -26.41 -20.00 6.63
C GLU C 279 -26.27 -20.15 5.11
N GLU C 280 -25.28 -19.49 4.53
CA GLU C 280 -25.04 -19.63 3.09
C GLU C 280 -24.46 -20.99 2.74
N ILE C 281 -23.55 -21.52 3.58
CA ILE C 281 -23.11 -22.91 3.41
C ILE C 281 -24.31 -23.83 3.37
N ALA C 282 -25.24 -23.64 4.31
CA ALA C 282 -26.40 -24.53 4.41
C ALA C 282 -27.23 -24.48 3.13
N HIS C 283 -27.51 -23.28 2.65
CA HIS C 283 -28.30 -23.13 1.42
C HIS C 283 -27.55 -23.63 0.19
N TRP C 284 -26.28 -23.23 0.03
CA TRP C 284 -25.62 -23.54 -1.23
C TRP C 284 -25.13 -24.97 -1.34
N PHE C 285 -25.02 -25.72 -0.23
CA PHE C 285 -24.45 -27.06 -0.30
C PHE C 285 -25.33 -28.21 0.18
N LEU C 286 -26.31 -27.97 1.05
CA LEU C 286 -27.14 -29.11 1.47
C LEU C 286 -27.85 -29.68 0.26
N PRO C 287 -27.80 -30.98 0.03
CA PRO C 287 -28.17 -31.51 -1.29
C PRO C 287 -29.67 -31.44 -1.58
N ILE C 288 -29.98 -31.14 -2.84
CA ILE C 288 -31.33 -31.18 -3.37
C ILE C 288 -31.24 -31.97 -4.67
N GLU C 289 -31.97 -33.08 -4.76
CA GLU C 289 -31.88 -33.92 -5.94
C GLU C 289 -32.17 -33.11 -7.20
N ASN C 290 -31.39 -33.38 -8.25
CA ASN C 290 -31.49 -32.72 -9.55
C ASN C 290 -31.23 -31.22 -9.47
N VAL C 291 -30.58 -30.76 -8.41
CA VAL C 291 -30.20 -29.36 -8.27
C VAL C 291 -28.74 -29.25 -7.81
N ILE C 292 -28.45 -29.67 -6.59
CA ILE C 292 -27.13 -29.51 -6.01
C ILE C 292 -26.76 -30.77 -5.23
N TYR C 293 -25.56 -31.30 -5.50
CA TYR C 293 -25.06 -32.54 -4.92
C TYR C 293 -23.78 -32.22 -4.18
N THR C 294 -23.75 -32.47 -2.87
CA THR C 294 -22.54 -32.24 -2.09
C THR C 294 -22.22 -33.49 -1.30
N TYR C 295 -20.97 -33.91 -1.36
CA TYR C 295 -20.48 -35.11 -0.72
C TYR C 295 -19.32 -34.72 0.19
N VAL C 296 -19.26 -35.31 1.39
CA VAL C 296 -18.22 -35.01 2.35
C VAL C 296 -17.55 -36.29 2.78
N ASN C 297 -16.31 -36.16 3.25
CA ASN C 297 -15.56 -37.24 3.87
C ASN C 297 -15.31 -36.82 5.30
N GLU C 298 -15.97 -37.49 6.26
CA GLU C 298 -15.81 -37.16 7.67
C GLU C 298 -14.81 -38.10 8.32
N GLU C 299 -13.83 -37.52 9.02
CA GLU C 299 -12.77 -38.25 9.70
C GLU C 299 -12.62 -37.69 11.10
N ASN C 300 -12.85 -38.52 12.12
CA ASN C 300 -12.74 -38.07 13.51
C ASN C 300 -13.69 -36.91 13.80
N GLY C 301 -14.90 -36.98 13.27
CA GLY C 301 -15.81 -35.86 13.44
C GLY C 301 -15.37 -34.56 12.78
N LYS C 302 -14.36 -34.61 11.92
CA LYS C 302 -13.99 -33.47 11.08
C LYS C 302 -14.35 -33.74 9.63
N ILE C 303 -14.94 -32.75 8.97
CA ILE C 303 -15.10 -32.77 7.52
C ILE C 303 -13.75 -32.45 6.89
N LYS C 304 -13.15 -33.43 6.20
CA LYS C 304 -11.80 -33.25 5.69
C LYS C 304 -11.70 -33.12 4.19
N ASP C 305 -12.71 -33.55 3.45
CA ASP C 305 -12.75 -33.43 2.01
C ASP C 305 -14.19 -33.19 1.63
N MET C 306 -14.40 -32.52 0.50
CA MET C 306 -15.75 -32.31 0.01
C MET C 306 -15.72 -32.26 -1.52
N ILE C 307 -16.82 -32.71 -2.10
CA ILE C 307 -17.09 -32.62 -3.53
C ILE C 307 -18.46 -32.00 -3.69
N SER C 308 -18.60 -31.10 -4.67
CA SER C 308 -19.93 -30.56 -4.97
C SER C 308 -20.02 -30.21 -6.44
N PHE C 309 -21.19 -30.45 -7.01
CA PHE C 309 -21.47 -30.13 -8.39
C PHE C 309 -22.97 -29.91 -8.50
N TYR C 310 -23.37 -29.06 -9.44
CA TYR C 310 -24.79 -28.77 -9.59
C TYR C 310 -25.27 -29.26 -10.94
N SER C 311 -26.60 -29.39 -11.03
CA SER C 311 -27.25 -30.02 -12.17
C SER C 311 -27.86 -28.96 -13.07
N LEU C 312 -27.38 -28.89 -14.31
CA LEU C 312 -27.79 -27.86 -15.25
C LEU C 312 -27.99 -28.53 -16.60
N PRO C 313 -29.21 -28.90 -16.93
CA PRO C 313 -29.44 -29.57 -18.22
C PRO C 313 -29.31 -28.59 -19.37
N SER C 314 -28.97 -29.12 -20.55
CA SER C 314 -29.04 -28.39 -21.80
C SER C 314 -30.05 -29.07 -22.71
N GLN C 315 -31.03 -28.30 -23.17
CA GLN C 315 -31.87 -28.77 -24.25
C GLN C 315 -31.01 -28.98 -25.48
N ILE C 316 -31.23 -30.10 -26.18
CA ILE C 316 -30.46 -30.46 -27.36
C ILE C 316 -31.27 -30.00 -28.56
N LEU C 317 -30.87 -28.87 -29.15
CA LEU C 317 -31.73 -28.18 -30.09
C LEU C 317 -31.81 -28.94 -31.40
N GLY C 318 -33.02 -29.08 -31.93
CA GLY C 318 -33.18 -29.67 -33.25
C GLY C 318 -32.78 -31.11 -33.36
N ASN C 319 -32.51 -31.77 -32.24
CA ASN C 319 -32.30 -33.20 -32.22
C ASN C 319 -33.62 -33.84 -31.83
N ASP C 320 -34.16 -34.67 -32.70
CA ASP C 320 -35.42 -35.34 -32.39
C ASP C 320 -35.20 -36.63 -31.60
N LYS C 321 -34.00 -37.23 -31.68
CA LYS C 321 -33.70 -38.42 -30.89
C LYS C 321 -33.60 -38.08 -29.41
N TYR C 322 -32.76 -37.10 -29.05
CA TYR C 322 -32.54 -36.72 -27.66
C TYR C 322 -33.09 -35.33 -27.39
N SER C 323 -33.76 -35.19 -26.26
CA SER C 323 -34.35 -33.91 -25.88
C SER C 323 -33.46 -33.12 -24.92
N THR C 324 -32.69 -33.79 -24.08
CA THR C 324 -32.02 -33.12 -22.99
C THR C 324 -30.69 -33.79 -22.68
N LEU C 325 -29.67 -32.97 -22.46
CA LEU C 325 -28.37 -33.42 -21.97
C LEU C 325 -28.28 -33.15 -20.47
N ASN C 326 -28.22 -34.23 -19.68
CA ASN C 326 -28.11 -34.14 -18.23
C ASN C 326 -26.66 -33.83 -17.87
N ALA C 327 -26.39 -32.60 -17.40
CA ALA C 327 -25.03 -32.14 -17.20
C ALA C 327 -24.78 -31.73 -15.76
N ALA C 328 -23.68 -32.20 -15.19
CA ALA C 328 -23.18 -31.78 -13.89
C ALA C 328 -22.12 -30.70 -14.08
N TYR C 329 -22.10 -29.72 -13.19
CA TYR C 329 -21.12 -28.65 -13.25
C TYR C 329 -20.35 -28.65 -11.94
N SER C 330 -19.03 -28.76 -12.04
CA SER C 330 -18.17 -28.66 -10.86
C SER C 330 -18.49 -27.37 -10.11
N PHE C 331 -18.59 -27.49 -8.79
CA PHE C 331 -18.93 -26.35 -7.95
C PHE C 331 -17.76 -26.05 -7.02
N TYR C 332 -17.71 -26.64 -5.82
CA TYR C 332 -16.59 -26.43 -4.89
C TYR C 332 -16.01 -27.77 -4.42
N ASN C 333 -14.70 -27.96 -4.64
CA ASN C 333 -14.03 -29.21 -4.31
C ASN C 333 -12.77 -28.92 -3.52
N VAL C 334 -12.61 -29.59 -2.38
CA VAL C 334 -11.46 -29.42 -1.49
C VAL C 334 -11.04 -30.78 -0.98
N THR C 335 -9.72 -31.05 -0.98
CA THR C 335 -9.23 -32.28 -0.38
C THR C 335 -8.07 -31.96 0.54
N THR C 336 -8.10 -32.57 1.74
CA THR C 336 -6.99 -32.55 2.67
C THR C 336 -6.41 -33.94 2.92
N THR C 337 -7.08 -35.00 2.48
CA THR C 337 -6.57 -36.35 2.70
C THR C 337 -6.19 -37.09 1.44
N ALA C 338 -6.38 -36.51 0.25
CA ALA C 338 -6.07 -37.17 -1.02
C ALA C 338 -5.43 -36.16 -1.98
N THR C 339 -5.10 -36.61 -3.18
CA THR C 339 -4.71 -35.64 -4.18
C THR C 339 -5.95 -35.01 -4.81
N PHE C 340 -5.78 -33.82 -5.37
CA PHE C 340 -6.90 -33.21 -6.09
C PHE C 340 -7.34 -34.09 -7.25
N LYS C 341 -6.39 -34.75 -7.93
CA LYS C 341 -6.75 -35.65 -9.02
C LYS C 341 -7.64 -36.78 -8.53
N GLN C 342 -7.27 -37.40 -7.39
CA GLN C 342 -8.13 -38.43 -6.81
C GLN C 342 -9.49 -37.87 -6.44
N LEU C 343 -9.51 -36.66 -5.86
CA LEU C 343 -10.77 -36.05 -5.47
C LEU C 343 -11.67 -35.85 -6.68
N MET C 344 -11.15 -35.19 -7.72
CA MET C 344 -11.94 -34.92 -8.91
C MET C 344 -12.26 -36.20 -9.67
N GLN C 345 -11.41 -37.23 -9.55
CA GLN C 345 -11.80 -38.53 -10.10
C GLN C 345 -13.04 -39.03 -9.40
N ASP C 346 -13.13 -38.84 -8.08
CA ASP C 346 -14.33 -39.22 -7.36
C ASP C 346 -15.51 -38.33 -7.75
N ALA C 347 -15.27 -37.06 -8.06
CA ALA C 347 -16.36 -36.18 -8.47
C ALA C 347 -17.02 -36.71 -9.74
N ILE C 348 -16.21 -37.11 -10.72
CA ILE C 348 -16.72 -37.66 -11.98
C ILE C 348 -17.52 -38.93 -11.73
N LEU C 349 -16.98 -39.83 -10.89
CA LEU C 349 -17.72 -41.05 -10.57
C LEU C 349 -19.05 -40.72 -9.90
N LEU C 350 -19.03 -39.81 -8.92
CA LEU C 350 -20.30 -39.46 -8.25
C LEU C 350 -21.30 -38.89 -9.25
N ALA C 351 -20.83 -38.10 -10.22
CA ALA C 351 -21.75 -37.59 -11.23
C ALA C 351 -22.31 -38.74 -12.08
N LYS C 352 -21.43 -39.66 -12.49
CA LYS C 352 -21.88 -40.80 -13.27
C LYS C 352 -22.91 -41.62 -12.51
N ARG C 353 -22.65 -41.89 -11.23
CA ARG C 353 -23.59 -42.62 -10.41
C ARG C 353 -24.94 -41.92 -10.31
N ASN C 354 -24.95 -40.59 -10.43
CA ASN C 354 -26.20 -39.85 -10.37
C ASN C 354 -26.77 -39.57 -11.75
N ASN C 355 -26.32 -40.34 -12.76
CA ASN C 355 -26.91 -40.39 -14.09
C ASN C 355 -26.57 -39.19 -14.96
N PHE C 356 -25.45 -38.51 -14.69
CA PHE C 356 -25.09 -37.36 -15.51
C PHE C 356 -24.38 -37.82 -16.76
N ASP C 357 -24.69 -37.15 -17.88
CA ASP C 357 -24.11 -37.48 -19.17
C ASP C 357 -22.70 -36.94 -19.34
N VAL C 358 -22.34 -35.93 -18.54
CA VAL C 358 -21.12 -35.17 -18.74
C VAL C 358 -20.85 -34.37 -17.48
N PHE C 359 -19.57 -34.16 -17.18
CA PHE C 359 -19.11 -33.38 -16.04
C PHE C 359 -18.32 -32.18 -16.58
N ASN C 360 -18.79 -30.97 -16.27
CA ASN C 360 -18.17 -29.74 -16.78
C ASN C 360 -17.41 -29.01 -15.69
N ALA C 361 -16.31 -28.36 -16.08
CA ALA C 361 -15.53 -27.61 -15.09
C ALA C 361 -14.79 -26.45 -15.75
N LEU C 362 -14.58 -25.40 -14.96
CA LEU C 362 -13.80 -24.26 -15.40
C LEU C 362 -12.37 -24.39 -14.90
N GLU C 363 -11.45 -23.71 -15.59
CA GLU C 363 -10.06 -23.69 -15.17
C GLU C 363 -9.87 -22.73 -14.01
N VAL C 364 -10.72 -22.82 -13.00
CA VAL C 364 -10.59 -22.02 -11.79
C VAL C 364 -10.07 -22.92 -10.67
N MET C 365 -9.67 -22.29 -9.56
CA MET C 365 -9.11 -22.97 -8.37
C MET C 365 -8.03 -23.94 -8.85
N GLN C 366 -8.02 -25.21 -8.38
CA GLN C 366 -7.00 -26.18 -8.76
C GLN C 366 -7.40 -27.02 -9.97
N ASN C 367 -8.49 -26.66 -10.67
CA ASN C 367 -9.08 -27.58 -11.62
C ASN C 367 -8.16 -27.87 -12.80
N LYS C 368 -7.43 -26.86 -13.29
CA LYS C 368 -6.64 -27.06 -14.52
C LYS C 368 -5.66 -28.22 -14.37
N SER C 369 -5.10 -28.38 -13.16
CA SER C 369 -4.06 -29.39 -12.92
C SER C 369 -4.50 -30.81 -13.23
N VAL C 370 -5.80 -31.08 -13.30
CA VAL C 370 -6.28 -32.46 -13.40
C VAL C 370 -6.97 -32.76 -14.74
N PHE C 371 -7.22 -31.76 -15.59
CA PHE C 371 -8.01 -31.99 -16.79
C PHE C 371 -7.36 -33.04 -17.71
N GLU C 372 -6.06 -32.94 -17.93
CA GLU C 372 -5.40 -33.83 -18.87
C GLU C 372 -5.41 -35.27 -18.36
N ASP C 373 -5.05 -35.48 -17.10
CA ASP C 373 -5.01 -36.83 -16.54
C ASP C 373 -6.39 -37.46 -16.50
N LEU C 374 -7.42 -36.65 -16.25
CA LEU C 374 -8.77 -37.16 -16.13
C LEU C 374 -9.54 -37.08 -17.44
N LYS C 375 -8.84 -36.91 -18.56
CA LYS C 375 -9.42 -37.04 -19.90
C LYS C 375 -10.50 -36.01 -20.19
N PHE C 376 -10.39 -34.82 -19.60
CA PHE C 376 -11.27 -33.71 -19.97
C PHE C 376 -10.93 -33.25 -21.38
N GLY C 377 -11.96 -32.87 -22.13
CA GLY C 377 -11.79 -32.16 -23.38
C GLY C 377 -12.06 -30.68 -23.17
N GLU C 378 -11.31 -29.84 -23.88
CA GLU C 378 -11.48 -28.40 -23.78
C GLU C 378 -12.62 -27.93 -24.67
N GLY C 379 -13.49 -27.08 -24.14
CA GLY C 379 -14.61 -26.56 -24.90
C GLY C 379 -14.18 -25.51 -25.90
N ASP C 380 -15.18 -24.84 -26.50
CA ASP C 380 -14.93 -23.95 -27.64
C ASP C 380 -14.67 -22.51 -27.26
N GLY C 381 -15.08 -22.08 -26.07
CA GLY C 381 -14.91 -20.70 -25.70
C GLY C 381 -14.58 -20.59 -24.22
N SER C 382 -14.79 -19.42 -23.64
CA SER C 382 -14.47 -19.21 -22.24
C SER C 382 -15.59 -18.46 -21.54
N LEU C 383 -15.55 -18.47 -20.22
CA LEU C 383 -16.46 -17.69 -19.38
C LEU C 383 -15.67 -16.56 -18.74
N LYS C 384 -16.14 -15.34 -18.95
CA LYS C 384 -15.45 -14.16 -18.40
C LYS C 384 -16.06 -13.76 -17.07
N TYR C 385 -15.20 -13.35 -16.14
CA TYR C 385 -15.62 -12.87 -14.83
C TYR C 385 -15.53 -11.34 -14.82
N TYR C 386 -16.57 -10.69 -14.28
CA TYR C 386 -16.62 -9.23 -14.27
C TYR C 386 -16.97 -8.69 -12.88
N LEU C 387 -16.46 -7.49 -12.62
CA LEU C 387 -16.88 -6.66 -11.49
C LEU C 387 -17.46 -5.36 -12.03
N TYR C 388 -18.49 -4.84 -11.36
CA TYR C 388 -19.06 -3.54 -11.67
C TYR C 388 -18.61 -2.54 -10.62
N ASN C 389 -18.19 -1.36 -11.08
CA ASN C 389 -17.67 -0.30 -10.20
C ASN C 389 -16.50 -0.78 -9.35
N TRP C 390 -15.62 -1.61 -9.92
CA TRP C 390 -14.43 -2.00 -9.19
C TRP C 390 -13.23 -1.95 -10.11
N LYS C 391 -12.15 -1.35 -9.61
CA LYS C 391 -10.91 -1.16 -10.33
C LYS C 391 -9.85 -2.05 -9.69
N CYS C 392 -9.35 -3.03 -10.45
CA CYS C 392 -8.27 -3.89 -9.93
C CYS C 392 -7.56 -4.57 -11.09
N ALA C 393 -6.38 -5.08 -10.80
CA ALA C 393 -5.62 -5.80 -11.82
C ALA C 393 -6.33 -7.11 -12.14
N SER C 394 -6.32 -7.47 -13.43
CA SER C 394 -6.84 -8.77 -13.83
C SER C 394 -5.87 -9.86 -13.40
N PHE C 395 -6.31 -11.11 -13.50
CA PHE C 395 -5.51 -12.23 -13.01
C PHE C 395 -5.93 -13.54 -13.68
N ALA C 396 -4.99 -14.49 -13.68
CA ALA C 396 -5.23 -15.81 -14.24
C ALA C 396 -6.34 -16.54 -13.49
N PRO C 397 -7.08 -17.43 -14.16
CA PRO C 397 -8.27 -18.04 -13.53
C PRO C 397 -7.95 -19.03 -12.41
N ALA C 398 -6.72 -19.53 -12.29
CA ALA C 398 -6.40 -20.35 -11.12
C ALA C 398 -6.43 -19.54 -9.83
N HIS C 399 -6.53 -18.21 -9.92
CA HIS C 399 -6.74 -17.36 -8.75
C HIS C 399 -8.21 -17.02 -8.53
N VAL C 400 -9.10 -17.50 -9.40
CA VAL C 400 -10.52 -17.34 -9.16
C VAL C 400 -10.99 -18.43 -8.21
N GLY C 401 -11.71 -18.03 -7.17
CA GLY C 401 -12.22 -18.99 -6.21
C GLY C 401 -13.72 -18.88 -6.05
N ILE C 402 -14.44 -18.66 -7.14
CA ILE C 402 -15.89 -18.55 -7.09
C ILE C 402 -16.48 -19.09 -8.40
N VAL C 403 -17.57 -19.84 -8.27
CA VAL C 403 -18.30 -20.37 -9.41
C VAL C 403 -19.72 -19.82 -9.35
N LEU C 404 -20.13 -19.11 -10.39
CA LEU C 404 -21.51 -18.64 -10.49
C LEU C 404 -22.36 -19.65 -11.24
N LEU C 405 -23.63 -19.71 -10.89
CA LEU C 405 -24.52 -20.73 -11.43
C LEU C 405 -24.78 -20.52 -12.91
S1 MYA D . 20.79 21.15 -12.71
C2 MYA D . 22.42 21.23 -13.41
C3 MYA D . 22.90 22.68 -13.41
N4 MYA D . 24.19 22.87 -14.05
C5 MYA D . 25.31 23.03 -13.34
O5 MYA D . 25.32 23.22 -12.14
C6 MYA D . 26.61 22.98 -14.12
C7 MYA D . 27.60 24.03 -13.58
N8 MYA D . 27.09 25.39 -13.58
C9 MYA D . 26.74 26.03 -14.71
O9 MYA D . 26.91 25.58 -15.83
C10 MYA D . 26.13 27.41 -14.51
O10 MYA D . 26.53 27.86 -13.22
C11 MYA D . 24.61 27.42 -14.55
C12 MYA D . 24.21 28.82 -14.04
C13 MYA D . 24.06 26.34 -13.62
C14 MYA D . 24.09 27.18 -15.97
N1A MYA D . 18.77 25.76 -12.32
O1A MYA D . 23.65 32.72 -16.20
P1A MYA D . 23.68 33.16 -14.76
C1X MYA D . 19.86 30.81 -11.66
C2A MYA D . 18.02 26.85 -12.58
O2A MYA D . 24.15 34.57 -14.41
P2A MYA D . 25.59 31.06 -14.27
C2M MYA D . 19.87 21.23 -14.11
O2M MYA D . 20.39 21.06 -15.20
C2X MYA D . 20.24 31.70 -10.48
O2X MYA D . 19.39 31.53 -9.36
N3A MYA D . 18.45 28.10 -12.35
O3A MYA D . 24.45 32.10 -13.81
C3M MYA D . 18.39 21.55 -14.04
C3X MYA D . 20.06 33.07 -11.10
O3X MYA D . 18.67 33.42 -11.08
P3X MYA D . 18.11 34.45 -9.97
C4A MYA D . 19.68 28.34 -11.84
O4A MYA D . 26.22 30.49 -13.03
C4M MYA D . 18.21 22.95 -14.64
C4X MYA D . 20.47 32.87 -12.56
O4X MYA D . 20.47 31.44 -12.78
C5A MYA D . 20.56 27.19 -11.51
O5A MYA D . 26.48 31.57 -15.36
C5M MYA D . 16.75 23.44 -14.64
C5X MYA D . 21.86 33.42 -12.86
O5X MYA D . 22.21 32.94 -14.17
C6A MYA D . 20.01 25.84 -11.79
N6A MYA D . 20.75 24.74 -11.52
O6A MYA D . 24.70 29.87 -14.90
C6M MYA D . 16.63 24.82 -15.30
N7A MYA D . 21.70 27.70 -11.02
O7A MYA D . 16.61 34.41 -10.15
C7M MYA D . 15.30 25.50 -15.01
C8A MYA D . 21.59 29.05 -11.02
O8A MYA D . 18.63 33.88 -8.69
C8M MYA D . 14.17 24.77 -15.76
N9A MYA D . 20.37 29.43 -11.50
O9A MYA D . 18.74 35.78 -10.30
C9M MYA D . 12.79 25.34 -15.47
CAM MYA D . 11.77 24.74 -16.44
CBM MYA D . 11.84 25.38 -17.81
CCM MYA D . 10.91 24.69 -18.80
CDM MYA D . 9.43 24.96 -18.53
CEM MYA D . 8.53 24.46 -19.66
CFM MYA D . 7.07 24.58 -19.26
C10 8RD E . 23.45 14.81 -7.61
C11 8RD E . 23.07 14.94 -8.90
C16 8RD E . 23.33 11.04 -5.68
C15 8RD E . 22.26 11.44 -6.41
C14 8RD E . 22.36 12.68 -7.04
C13 8RD E . 23.47 13.49 -6.94
C18 8RD E . 24.45 11.81 -5.53
C19 8RD E . 24.54 13.04 -6.15
C21 8RD E . 26.76 13.46 -5.17
C22 8RD E . 27.67 14.69 -5.04
C01 8RD E . 20.13 15.03 -10.78
C03 8RD E . 22.28 15.60 -11.83
C04 8RD E . 22.70 16.58 -10.75
C07 8RD E . 23.35 17.37 -8.80
C08 8RD E . 23.75 17.24 -7.42
C09 8RD E . 23.79 16.01 -6.86
C23 8RD E . 28.62 14.72 -6.19
C24 8RD E . 28.54 15.53 -7.29
C25 8RD E . 27.54 16.58 -7.67
C27 8RD E . 30.01 15.77 -9.37
C29 8RD E . 29.77 13.90 -6.41
C30 8RD E . 30.32 12.88 -5.46
C33 8RD E . 31.22 10.69 -4.84
C34 8RD E . 30.47 9.36 -4.84
C36 8RD E . 29.60 9.80 -7.02
C37 8RD E . 30.48 11.04 -7.16
F17 8RD E . 23.31 9.85 -5.03
N02 8RD E . 20.85 15.38 -12.02
N05 8RD E . 22.81 17.87 -10.85
N06 8RD E . 23.22 18.40 -9.59
N12 8RD E . 23.03 16.19 -9.46
N26 8RD E . 29.59 15.21 -8.08
N28 8RD E . 30.35 14.22 -7.53
N32 8RD E . 30.64 11.63 -5.83
O20 8RD E . 25.65 13.81 -6.03
O31 8RD E . 30.51 13.28 -4.32
O35 8RD E . 30.26 8.84 -6.17
CL CL F . 25.10 -15.53 -6.77
S SO4 G . 27.63 -9.04 3.35
O1 SO4 G . 27.19 -7.71 3.76
O2 SO4 G . 26.91 -10.05 4.12
O3 SO4 G . 29.07 -9.18 3.62
O4 SO4 G . 27.37 -9.23 1.92
S SO4 H . -3.65 24.44 -19.30
O1 SO4 H . -4.75 24.91 -18.46
O2 SO4 H . -2.73 23.63 -18.49
O3 SO4 H . -2.89 25.54 -19.89
O4 SO4 H . -4.22 23.62 -20.37
S SO4 I . -4.29 26.66 -28.51
O1 SO4 I . -3.26 26.15 -27.61
O2 SO4 I . -5.51 26.97 -27.75
O3 SO4 I . -4.59 25.63 -29.51
O4 SO4 I . -3.82 27.86 -29.19
S SO4 J . 25.10 38.99 -34.05
O1 SO4 J . 24.19 39.91 -33.35
O2 SO4 J . 25.28 37.78 -33.25
O3 SO4 J . 26.40 39.65 -34.21
O4 SO4 J . 24.54 38.66 -35.35
S SO4 K . 1.49 1.66 -22.67
O1 SO4 K . 0.57 0.54 -22.51
O2 SO4 K . 1.41 2.51 -21.49
O3 SO4 K . 1.14 2.40 -23.87
O4 SO4 K . 2.85 1.16 -22.82
S SO4 L . 2.17 -16.20 -9.25
O1 SO4 L . 3.42 -16.73 -8.73
O2 SO4 L . 2.08 -14.77 -8.94
O3 SO4 L . 1.04 -16.90 -8.63
O4 SO4 L . 2.13 -16.39 -10.70
S SO4 M . -1.40 -13.36 -12.92
O1 SO4 M . -1.27 -12.08 -12.22
O2 SO4 M . -2.55 -14.08 -12.36
O3 SO4 M . -0.18 -14.13 -12.71
O4 SO4 M . -1.59 -13.12 -14.35
S1 MYA N . 8.92 0.17 27.77
C2 MYA N . 9.39 1.13 29.19
C3 MYA N . 9.54 0.31 30.47
N4 MYA N . 10.87 0.09 31.04
C5 MYA N . 11.67 0.97 31.65
O5 MYA N . 12.60 1.46 31.05
C6 MYA N . 11.44 1.30 33.11
C7 MYA N . 12.77 1.34 33.89
N8 MYA N . 13.48 0.06 33.88
C9 MYA N . 12.95 -0.99 34.52
O9 MYA N . 11.99 -0.86 35.27
C10 MYA N . 13.60 -2.33 34.29
O10 MYA N . 14.93 -2.15 33.81
C11 MYA N . 12.82 -3.21 33.32
C12 MYA N . 13.66 -4.45 33.08
C13 MYA N . 12.60 -2.53 31.95
C14 MYA N . 11.47 -3.56 33.96
N1A MYA N . 10.96 -4.42 27.33
O1A MYA N . 14.11 -8.26 35.22
P1A MYA N . 15.38 -8.26 34.37
C1X MYA N . 14.60 -7.73 29.02
C2A MYA N . 11.01 -5.76 27.23
O2A MYA N . 16.66 -8.91 34.84
P2A MYA N . 15.42 -5.44 34.72
C2M MYA N . 7.51 -0.60 28.22
O2M MYA N . 6.95 -0.32 29.28
C2X MYA N . 16.09 -7.86 28.83
O2X MYA N . 16.40 -7.77 27.44
N3A MYA N . 12.03 -6.48 27.71
O3A MYA N . 15.71 -6.77 33.87
C3M MYA N . 6.92 -1.67 27.32
C3X MYA N . 16.32 -9.23 29.45
O3X MYA N . 15.90 -10.22 28.53
P3X MYA N . 16.96 -11.00 27.61
C4A MYA N . 13.06 -5.89 28.35
O4A MYA N . 16.27 -4.33 34.13
C4M MYA N . 7.42 -3.04 27.77
C4X MYA N . 15.33 -9.28 30.59
O4X MYA N . 14.34 -8.30 30.30
C5A MYA N . 13.05 -4.43 28.52
O5A MYA N . 15.49 -5.70 36.20
C5M MYA N . 6.86 -4.18 26.91
C5X MYA N . 16.01 -8.95 31.92
O5X MYA N . 15.00 -8.84 32.92
C6A MYA N . 11.92 -3.70 27.94
N6A MYA N . 11.85 -2.35 28.05
O6A MYA N . 13.90 -5.12 34.32
C6M MYA N . 7.22 -5.54 27.49
N7A MYA N . 14.18 -4.11 29.18
O7A MYA N . 16.10 -11.75 26.63
C7M MYA N . 7.08 -6.69 26.49
C8A MYA N . 14.85 -5.25 29.42
O8A MYA N . 17.84 -9.93 26.99
C8M MYA N . 5.63 -6.97 26.05
N9A MYA N . 14.19 -6.31 28.93
O9A MYA N . 17.70 -11.91 28.58
C9M MYA N . 5.56 -8.24 25.20
CAM MYA N . 4.14 -8.68 24.86
CBM MYA N . 3.43 -9.28 26.08
CCM MYA N . 1.96 -9.58 25.81
CDM MYA N . 1.75 -10.53 24.64
CEM MYA N . 0.29 -10.95 24.55
CFM MYA N . -0.03 -11.88 23.39
C10 8RD O . 10.31 8.03 24.66
C11 8RD O . 9.29 7.41 25.28
C16 8RD O . 9.58 11.49 22.30
C15 8RD O . 8.78 10.40 22.17
C14 8RD O . 9.05 9.29 22.96
C13 8RD O . 10.10 9.27 23.88
C18 8RD O . 10.61 11.51 23.19
C19 8RD O . 10.89 10.41 23.98
C21 8RD O . 12.99 11.40 24.86
C22 8RD O . 14.06 10.98 25.87
C01 8RD O . 6.35 5.13 24.63
C03 8RD O . 7.16 5.73 26.88
C04 8RD O . 8.64 5.45 26.70
C07 8RD O . 10.75 5.64 26.09
C08 8RD O . 11.84 6.28 25.43
C09 8RD O . 11.63 7.42 24.74
C23 8RD O . 13.67 11.23 27.30
C24 8RD O . 13.32 10.27 28.21
C25 8RD O . 13.22 8.78 28.03
C27 8RD O . 12.65 10.33 30.66
C29 8RD O . 13.59 12.47 28.01
C30 8RD O . 13.90 13.83 27.47
C33 8RD O . 13.55 16.20 27.08
C34 8RD O . 12.48 16.84 26.23
C36 8RD O . 10.78 15.57 27.32
C37 8RD O . 11.78 14.95 28.28
F17 8RD O . 9.37 12.60 21.55
N02 8RD O . 6.31 4.85 26.08
N05 8RD O . 9.29 4.46 27.20
N06 8RD O . 10.66 4.56 26.81
N12 8RD O . 9.51 6.25 25.99
N26 8RD O . 13.07 10.90 29.37
N28 8RD O . 13.24 12.26 29.26
N32 8RD O . 13.10 14.89 27.62
O20 8RD O . 11.93 10.41 24.86
O31 8RD O . 14.99 13.96 26.91
O35 8RD O . 11.22 16.88 26.95
CL CL P . -4.82 33.40 17.28
S SO4 Q . 6.96 32.02 14.23
O1 SO4 Q . 5.78 31.75 15.04
O2 SO4 Q . 7.75 33.10 14.83
O3 SO4 Q . 7.77 30.80 14.12
O4 SO4 Q . 6.56 32.45 12.87
S SO4 R . -4.96 -17.69 15.70
O1 SO4 R . -4.35 -18.29 16.87
O2 SO4 R . -6.32 -17.27 16.03
O3 SO4 R . -5.02 -18.66 14.60
O4 SO4 R . -4.19 -16.53 15.26
S SO4 S . -10.28 -22.62 22.00
O1 SO4 S . -9.82 -21.25 21.79
O2 SO4 S . -9.82 -23.13 23.28
O3 SO4 S . -11.75 -22.66 21.98
O4 SO4 S . -9.77 -23.45 20.92
S SO4 T . -17.46 2.57 15.86
O1 SO4 T . -18.04 3.58 16.73
O2 SO4 T . -17.10 1.41 16.66
O3 SO4 T . -16.28 3.08 15.19
O4 SO4 T . -18.47 2.19 14.86
S SO4 U . -14.04 8.09 29.74
O1 SO4 U . -12.77 7.83 30.41
O2 SO4 U . -14.49 9.45 30.07
O3 SO4 U . -13.88 7.97 28.29
O4 SO4 U . -15.04 7.14 30.21
S1 MYA V . -24.67 -13.74 -18.65
C2 MYA V . -26.06 -14.50 -19.44
C3 MYA V . -26.58 -13.58 -20.53
N4 MYA V . -27.79 -14.04 -21.14
C5 MYA V . -27.81 -14.62 -22.33
O5 MYA V . -26.79 -14.75 -23.01
C6 MYA V . -29.15 -15.14 -22.80
C7 MYA V . -29.32 -15.00 -24.32
N8 MYA V . -29.10 -13.65 -24.83
C9 MYA V . -29.92 -12.65 -24.48
O9 MYA V . -30.91 -12.82 -23.79
C10 MYA V . -29.57 -11.27 -25.00
O10 MYA V . -28.68 -11.40 -26.12
C11 MYA V . -28.93 -10.38 -23.92
C12 MYA V . -28.39 -9.15 -24.65
C13 MYA V . -27.79 -11.09 -23.22
C14 MYA V . -29.98 -9.97 -22.89
N1A MYA V . -24.03 -9.09 -20.07
O1A MYA V . -30.57 -5.31 -25.74
P1A MYA V . -29.35 -5.20 -26.60
C1X MYA V . -24.52 -5.59 -23.92
C2A MYA V . -23.95 -7.74 -20.03
O2A MYA V . -29.41 -4.47 -27.92
P2A MYA V . -29.54 -8.09 -26.73
C2M MYA V . -25.52 -12.99 -17.40
O2M MYA V . -26.68 -13.31 -17.16
C2X MYA V . -23.84 -5.37 -25.26
O2X MYA V . -22.41 -5.38 -25.16
N3A MYA V . -24.09 -6.96 -21.11
O3A MYA V . -28.73 -6.69 -26.83
C3M MYA V . -24.87 -11.92 -16.56
C3X MYA V . -24.45 -4.03 -25.65
O3X MYA V . -23.81 -2.96 -24.96
P3X MYA V . -22.75 -2.01 -25.73
C4A MYA V . -24.35 -7.50 -22.33
O4A MYA V . -28.69 -9.18 -27.34
C4M MYA V . -25.36 -10.56 -17.04
C4X MYA V . -25.87 -4.12 -25.13
O4X MYA V . -25.85 -5.14 -24.11
C5A MYA V . -24.46 -8.95 -22.45
O5A MYA V . -30.97 -7.91 -27.16
C5M MYA V . -24.67 -9.39 -16.33
C5X MYA V . -26.84 -4.48 -26.25
O5X MYA V . -28.15 -4.60 -25.71
C6A MYA V . -24.28 -9.75 -21.22
N6A MYA V . -24.37 -11.10 -21.27
O6A MYA V . -29.49 -8.37 -25.15
C6M MYA V . -25.30 -8.07 -16.77
N7A MYA V . -24.70 -9.23 -23.74
O7A MYA V . -22.19 -1.10 -24.66
C7M MYA V . -24.46 -6.84 -16.38
C8A MYA V . -24.76 -8.05 -24.41
O8A MYA V . -21.76 -2.99 -26.32
C8M MYA V . -24.63 -6.56 -14.89
N9A MYA V . -24.52 -7.03 -23.56
O9A MYA V . -23.60 -1.29 -26.77
C9M MYA V . -23.80 -5.37 -14.44
CAM MYA V . -23.92 -5.11 -12.93
CBM MYA V . -25.27 -4.47 -12.59
CCM MYA V . -25.48 -4.27 -11.09
CDM MYA V . -24.57 -3.22 -10.47
CEM MYA V . -24.95 -2.94 -9.02
CFM MYA V . -24.08 -1.88 -8.37
C10 8RD W . -20.94 -21.39 -19.08
C11 8RD W . -21.91 -20.87 -18.32
C16 8RD W . -18.69 -24.72 -17.77
C15 8RD W . -18.92 -23.70 -16.90
C14 8RD W . -19.66 -22.64 -17.39
C13 8RD W . -20.18 -22.60 -18.67
C18 8RD W . -19.17 -24.73 -19.06
C19 8RD W . -19.92 -23.68 -19.53
C21 8RD W . -20.22 -24.68 -21.80
C22 8RD W . -20.76 -24.25 -23.19
C01 8RD W . -22.20 -18.90 -15.46
C03 8RD W . -24.20 -19.42 -16.85
C04 8RD W . -23.57 -19.03 -18.15
C07 8RD W . -22.26 -19.08 -19.92
C08 8RD W . -21.23 -19.61 -20.74
C09 8RD W . -20.59 -20.71 -20.32
C23 8RD W . -22.23 -24.51 -23.28
C24 8RD W . -23.24 -23.58 -23.19
C25 8RD W . -23.13 -22.11 -22.98
C27 8RD W . -25.80 -23.78 -23.32
C29 8RD W . -22.90 -25.75 -23.46
C30 8RD W . -22.21 -27.04 -23.64
C33 8RD W . -21.70 -29.35 -23.31
C34 8RD W . -21.78 -30.50 -22.31
C36 8RD W . -22.71 -28.86 -20.74
C37 8RD W . -23.52 -28.38 -21.93
F17 8RD W . -17.97 -25.79 -17.36
N02 8RD W . -23.67 -18.80 -15.63
N05 8RD W . -23.87 -18.03 -18.91
N06 8RD W . -23.04 -18.04 -20.07
N12 8RD W . -22.55 -19.74 -18.74
N26 8RD W . -24.42 -24.26 -23.32
N28 8RD W . -24.20 -25.59 -23.48
N32 8RD W . -22.50 -28.15 -22.97
O20 8RD W . -20.42 -23.65 -20.81
O31 8RD W . -21.31 -27.06 -24.49
O35 8RD W . -22.23 -30.19 -20.98
CL CL X . -17.05 -47.22 -3.81
S SO4 Y . -18.57 3.80 -1.32
O1 SO4 Y . -19.20 3.26 -0.12
O2 SO4 Y . -17.59 4.83 -0.96
O3 SO4 Y . -19.61 4.36 -2.18
O4 SO4 Y . -17.86 2.73 -2.02
S SO4 Z . -21.44 -16.98 10.28
O1 SO4 Z . -22.79 -16.74 10.78
O2 SO4 Z . -20.49 -16.97 11.38
O3 SO4 Z . -21.41 -18.28 9.62
O4 SO4 Z . -21.07 -15.94 9.32
S SO4 AA . -7.23 -36.10 13.43
O1 SO4 AA . -6.29 -36.48 14.48
O2 SO4 AA . -8.51 -35.72 14.04
O3 SO4 AA . -6.70 -34.96 12.69
O4 SO4 AA . -7.45 -37.23 12.54
S SO4 BA . -14.54 -35.34 -25.62
O1 SO4 BA . -14.62 -34.02 -26.25
O2 SO4 BA . -14.26 -35.20 -24.19
O3 SO4 BA . -15.80 -36.03 -25.80
O4 SO4 BA . -13.46 -36.10 -26.23
S SO4 CA . -26.50 7.99 2.31
O1 SO4 CA . -27.20 7.70 3.57
O2 SO4 CA . -25.32 8.80 2.60
O3 SO4 CA . -27.43 8.72 1.43
O4 SO4 CA . -26.05 6.76 1.65
#